data_8UKW
#
_entry.id   8UKW
#
_cell.length_a   48.818
_cell.length_b   88.294
_cell.length_c   99.751
_cell.angle_alpha   90.00
_cell.angle_beta   95.25
_cell.angle_gamma   90.00
#
_symmetry.space_group_name_H-M   'P 1 21 1'
#
loop_
_entity.id
_entity.type
_entity.pdbx_description
1 polymer 'Epidermal growth factor receptor'
2 branched beta-D-mannopyranose-(1-4)-2-acetamido-2-deoxy-beta-D-glucopyranose-(1-4)-2-acetamido-2-deoxy-beta-D-glucopyranose
3 branched 2-acetamido-2-deoxy-beta-D-glucopyranose-(1-4)-2-acetamido-2-deoxy-beta-D-glucopyranose
4 non-polymer 2-acetamido-2-deoxy-beta-D-glucopyranose
5 water water
#
_entity_poly.entity_id   1
_entity_poly.type   'polypeptide(L)'
_entity_poly.pdbx_seq_one_letter_code
;LEEKKGNYVVTDHGSSVRACGADSYEMEEDGVRKCKKCEGPCRKVCNGIGIGEFKDSLSINATNIKHFKNCTSISGDLHI
LPVAFRGDSFTHTPPLDPQELDILKTVKEITGFLLIQAWPENRTDLHAFENLEIIRGRTKQHGQFSLAVVSLNITSLGLR
SLKEISDGDVIISGNKNLCYANTINWKKLFGTSGQKTKIISNRGENSCKATGQVCHALCSPEGCWGPEPRDCVSCRNVSR
GRECVDKCNLLEGEPREFVENSECIQCHPECLPQAMNITCTGRGPDNCIQCAHYIDGPHCVKTCPAGVMGENNTLVWKYA
DAGHVCHLCHPNCTYGCTGPGLEGCPTNGPKHHHHHH
;
_entity_poly.pdbx_strand_id   A,B
#
loop_
_chem_comp.id
_chem_comp.type
_chem_comp.name
_chem_comp.formula
BMA D-saccharide, beta linking beta-D-mannopyranose 'C6 H12 O6'
NAG D-saccharide, beta linking 2-acetamido-2-deoxy-beta-D-glucopyranose 'C8 H15 N O6'
#
# COMPACT_ATOMS: atom_id res chain seq x y z
N CYS A 38 -5.87 8.87 -7.39
CA CYS A 38 -6.72 9.70 -6.55
C CYS A 38 -5.91 10.88 -5.98
N GLU A 39 -4.98 11.38 -6.79
CA GLU A 39 -4.11 12.49 -6.39
C GLU A 39 -3.52 12.25 -5.00
N GLY A 40 -2.78 11.16 -4.88
CA GLY A 40 -2.26 10.74 -3.60
C GLY A 40 -3.36 10.15 -2.74
N PRO A 41 -3.45 10.59 -1.49
CA PRO A 41 -4.56 10.15 -0.64
C PRO A 41 -5.89 10.73 -1.13
N CYS A 42 -6.95 9.93 -0.99
CA CYS A 42 -8.28 10.36 -1.41
C CYS A 42 -8.86 11.39 -0.45
N ARG A 43 -9.75 12.24 -0.96
CA ARG A 43 -10.29 13.33 -0.17
C ARG A 43 -11.14 12.80 0.98
N LYS A 44 -10.65 12.97 2.20
CA LYS A 44 -11.34 12.56 3.43
C LYS A 44 -11.42 13.79 4.33
N VAL A 45 -12.65 14.22 4.64
CA VAL A 45 -12.88 15.40 5.46
C VAL A 45 -13.12 14.98 6.90
N CYS A 46 -12.36 15.55 7.81
CA CYS A 46 -12.50 15.24 9.23
C CYS A 46 -12.80 16.51 10.01
N ASN A 47 -13.40 16.32 11.17
CA ASN A 47 -13.77 17.45 12.03
C ASN A 47 -12.55 18.01 12.74
N GLY A 48 -12.60 19.30 13.03
CA GLY A 48 -11.56 19.96 13.80
C GLY A 48 -11.67 19.65 15.29
N ILE A 49 -10.67 20.15 16.03
CA ILE A 49 -10.67 20.05 17.48
C ILE A 49 -11.84 20.86 18.03
N GLY A 50 -12.71 20.21 18.80
CA GLY A 50 -13.85 20.87 19.40
C GLY A 50 -15.19 20.53 18.76
N ILE A 51 -15.20 19.78 17.66
CA ILE A 51 -16.40 19.44 16.93
C ILE A 51 -16.54 17.93 16.86
N GLY A 52 -17.78 17.45 16.87
CA GLY A 52 -18.05 16.03 16.64
C GLY A 52 -17.26 15.11 17.55
N GLU A 53 -16.55 14.14 16.95
CA GLU A 53 -15.79 13.20 17.77
C GLU A 53 -14.74 13.89 18.62
N PHE A 54 -14.43 15.16 18.32
CA PHE A 54 -13.46 15.93 19.08
C PHE A 54 -14.11 17.04 19.91
N LYS A 55 -15.42 16.95 20.15
CA LYS A 55 -16.06 17.87 21.10
C LYS A 55 -15.35 17.82 22.45
N ASP A 56 -15.25 18.99 23.09
CA ASP A 56 -14.67 19.12 24.43
C ASP A 56 -13.27 18.52 24.52
N SER A 57 -12.47 18.73 23.49
CA SER A 57 -11.06 18.34 23.51
C SER A 57 -10.23 19.61 23.44
N LEU A 58 -9.23 19.72 24.31
CA LEU A 58 -8.35 20.88 24.25
C LEU A 58 -7.40 20.77 23.07
N SER A 59 -6.89 19.58 22.80
CA SER A 59 -5.75 19.45 21.92
C SER A 59 -5.80 18.13 21.18
N ILE A 60 -5.21 18.12 19.99
CA ILE A 60 -4.77 16.86 19.43
C ILE A 60 -4.00 16.14 20.53
N ASN A 61 -4.31 14.86 20.73
CA ASN A 61 -3.70 14.17 21.87
C ASN A 61 -3.69 12.67 21.60
N ALA A 62 -3.12 11.91 22.56
CA ALA A 62 -2.83 10.50 22.33
C ALA A 62 -4.10 9.71 22.05
N THR A 63 -5.23 10.13 22.62
CA THR A 63 -6.48 9.39 22.42
C THR A 63 -7.08 9.65 21.05
N ASN A 64 -7.01 10.89 20.55
CA ASN A 64 -7.77 11.25 19.37
C ASN A 64 -6.95 11.31 18.09
N ILE A 65 -5.62 11.26 18.20
CA ILE A 65 -4.78 11.44 17.02
C ILE A 65 -5.10 10.39 15.96
N LYS A 66 -5.34 9.15 16.39
CA LYS A 66 -5.62 8.08 15.42
C LYS A 66 -6.88 8.34 14.63
N HIS A 67 -7.83 9.14 15.16
CA HIS A 67 -9.02 9.50 14.41
C HIS A 67 -8.74 10.55 13.32
N PHE A 68 -7.50 11.00 13.16
CA PHE A 68 -7.14 11.82 12.02
C PHE A 68 -6.45 11.01 10.94
N LYS A 69 -6.31 9.70 11.12
CA LYS A 69 -5.69 8.83 10.13
C LYS A 69 -6.33 9.04 8.75
N ASN A 70 -5.49 9.38 7.78
CA ASN A 70 -5.88 9.51 6.37
C ASN A 70 -6.78 10.71 6.12
N CYS A 71 -6.88 11.63 7.07
CA CYS A 71 -7.61 12.87 6.82
C CYS A 71 -6.80 13.74 5.87
N THR A 72 -7.49 14.38 4.92
CA THR A 72 -6.85 15.32 4.02
C THR A 72 -7.36 16.74 4.18
N SER A 73 -8.58 16.91 4.67
CA SER A 73 -9.12 18.23 4.96
C SER A 73 -9.67 18.26 6.38
N ILE A 74 -9.42 19.36 7.09
CA ILE A 74 -9.90 19.54 8.45
C ILE A 74 -10.97 20.62 8.43
N SER A 75 -12.19 20.24 8.75
CA SER A 75 -13.29 21.20 8.82
C SER A 75 -13.31 21.77 10.23
N GLY A 76 -12.52 22.83 10.44
CA GLY A 76 -12.38 23.43 11.74
C GLY A 76 -10.94 23.83 12.05
N ASP A 77 -10.57 23.72 13.33
CA ASP A 77 -9.30 24.20 13.84
C ASP A 77 -8.45 23.03 14.32
N LEU A 78 -7.13 23.24 14.37
CA LEU A 78 -6.21 22.31 14.99
C LEU A 78 -5.49 23.03 16.13
N HIS A 79 -5.46 22.39 17.30
CA HIS A 79 -4.74 22.92 18.46
C HIS A 79 -3.75 21.85 18.89
N ILE A 80 -2.52 22.26 19.13
CA ILE A 80 -1.50 21.37 19.69
C ILE A 80 -0.88 22.09 20.86
N LEU A 81 -1.23 21.64 22.07
CA LEU A 81 -0.85 22.30 23.31
C LEU A 81 0.11 21.43 24.13
N PRO A 82 0.77 22.02 25.13
CA PRO A 82 1.68 21.25 25.99
C PRO A 82 1.08 20.02 26.61
N VAL A 83 -0.18 20.11 27.02
CA VAL A 83 -0.80 18.97 27.69
C VAL A 83 -0.71 17.72 26.83
N ALA A 84 -0.88 17.88 25.52
CA ALA A 84 -0.78 16.73 24.60
C ALA A 84 0.45 15.89 24.89
N PHE A 85 1.57 16.53 25.20
CA PHE A 85 2.82 15.82 25.40
C PHE A 85 3.09 15.49 26.86
N ARG A 86 2.43 16.19 27.79
CA ARG A 86 2.57 15.81 29.20
C ARG A 86 1.67 14.64 29.58
N GLY A 87 0.52 14.49 28.94
CA GLY A 87 -0.53 13.63 29.44
C GLY A 87 -1.48 14.40 30.35
N ASP A 88 -2.68 13.85 30.51
CA ASP A 88 -3.71 14.48 31.33
C ASP A 88 -4.50 13.40 32.05
N SER A 89 -4.30 13.28 33.37
CA SER A 89 -5.02 12.24 34.11
C SER A 89 -6.51 12.55 34.22
N PHE A 90 -6.87 13.84 34.30
CA PHE A 90 -8.27 14.21 34.47
C PHE A 90 -9.13 13.67 33.32
N THR A 91 -8.60 13.70 32.09
CA THR A 91 -9.34 13.21 30.94
C THR A 91 -8.86 11.83 30.48
N HIS A 92 -8.05 11.15 31.28
CA HIS A 92 -7.58 9.80 30.94
C HIS A 92 -6.84 9.83 29.61
N THR A 93 -5.86 10.70 29.51
CA THR A 93 -5.14 10.88 28.26
C THR A 93 -3.66 10.63 28.48
N PRO A 94 -3.08 9.58 27.89
CA PRO A 94 -1.64 9.34 28.04
C PRO A 94 -0.84 10.35 27.25
N PRO A 95 0.44 10.53 27.57
CA PRO A 95 1.28 11.44 26.78
C PRO A 95 1.29 11.02 25.32
N LEU A 96 1.33 12.00 24.42
CA LEU A 96 1.30 11.72 22.99
C LEU A 96 2.67 11.24 22.52
N ASP A 97 2.69 10.13 21.81
CA ASP A 97 3.93 9.66 21.20
C ASP A 97 4.31 10.53 20.02
N PRO A 98 5.49 11.16 20.02
CA PRO A 98 5.83 12.08 18.91
C PRO A 98 5.69 11.47 17.52
N GLN A 99 6.10 10.22 17.34
CA GLN A 99 5.99 9.59 16.03
C GLN A 99 4.57 9.64 15.48
N GLU A 100 3.57 9.58 16.36
CA GLU A 100 2.21 9.55 15.86
C GLU A 100 1.76 10.88 15.30
N LEU A 101 2.48 11.97 15.61
CA LEU A 101 2.19 13.24 14.93
C LEU A 101 2.30 13.08 13.41
N ASP A 102 3.11 12.12 12.96
CA ASP A 102 3.24 11.91 11.52
C ASP A 102 1.91 11.53 10.87
N ILE A 103 0.92 11.10 11.66
CA ILE A 103 -0.42 10.86 11.12
C ILE A 103 -0.97 12.08 10.39
N LEU A 104 -0.50 13.29 10.73
CA LEU A 104 -1.00 14.51 10.11
C LEU A 104 -0.39 14.76 8.73
N LYS A 105 0.54 13.92 8.28
CA LYS A 105 1.19 14.17 7.01
C LYS A 105 0.24 14.13 5.82
N THR A 106 -0.96 13.57 5.97
CA THR A 106 -1.92 13.60 4.87
C THR A 106 -2.77 14.86 4.85
N VAL A 107 -2.69 15.68 5.89
CA VAL A 107 -3.51 16.87 5.95
C VAL A 107 -3.02 17.87 4.90
N LYS A 108 -3.92 18.23 3.97
CA LYS A 108 -3.62 19.23 2.96
C LYS A 108 -4.31 20.55 3.20
N GLU A 109 -5.46 20.55 3.86
CA GLU A 109 -6.28 21.74 4.02
C GLU A 109 -6.82 21.82 5.45
N ILE A 110 -6.81 23.03 6.01
CA ILE A 110 -7.45 23.34 7.30
C ILE A 110 -8.34 24.56 7.10
N THR A 111 -9.64 24.41 7.32
CA THR A 111 -10.56 25.51 7.00
C THR A 111 -10.59 26.59 8.08
N GLY A 112 -10.17 26.24 9.30
CA GLY A 112 -10.13 27.21 10.37
C GLY A 112 -8.72 27.72 10.59
N PHE A 113 -8.17 27.50 11.79
CA PHE A 113 -6.82 27.96 12.08
C PHE A 113 -5.98 26.81 12.62
N LEU A 114 -4.67 27.01 12.58
CA LEU A 114 -3.68 26.09 13.13
C LEU A 114 -2.93 26.80 14.27
N LEU A 115 -3.07 26.29 15.49
CA LEU A 115 -2.44 26.84 16.69
C LEU A 115 -1.50 25.77 17.26
N ILE A 116 -0.20 26.05 17.21
CA ILE A 116 0.83 25.16 17.72
C ILE A 116 1.56 25.90 18.83
N GLN A 117 1.28 25.49 20.09
CA GLN A 117 1.98 26.02 21.25
C GLN A 117 2.92 25.01 21.90
N ALA A 118 3.05 23.81 21.35
CA ALA A 118 4.00 22.82 21.86
C ALA A 118 4.32 21.84 20.73
N TRP A 119 5.53 21.30 20.77
CA TRP A 119 6.04 20.41 19.74
C TRP A 119 7.10 19.52 20.37
N PRO A 120 7.23 18.27 19.92
CA PRO A 120 8.23 17.37 20.53
C PRO A 120 9.62 18.01 20.51
N GLU A 121 10.40 17.73 21.56
CA GLU A 121 11.73 18.30 21.65
C GLU A 121 12.67 17.71 20.60
N ASN A 122 12.46 16.45 20.20
CA ASN A 122 13.34 15.82 19.23
C ASN A 122 13.01 16.19 17.78
N ARG A 123 12.18 17.20 17.54
CA ARG A 123 11.78 17.58 16.19
C ARG A 123 12.18 19.02 15.93
N THR A 124 13.08 19.21 14.97
CA THR A 124 13.57 20.53 14.61
C THR A 124 12.65 21.30 13.68
N ASP A 125 11.57 20.70 13.19
CA ASP A 125 10.64 21.42 12.35
C ASP A 125 9.27 20.76 12.47
N LEU A 126 8.30 21.33 11.73
CA LEU A 126 6.93 20.82 11.71
C LEU A 126 6.68 19.94 10.49
N HIS A 127 7.53 18.94 10.27
CA HIS A 127 7.36 18.11 9.09
C HIS A 127 6.10 17.24 9.16
N ALA A 128 5.51 17.07 10.34
CA ALA A 128 4.16 16.50 10.38
C ALA A 128 3.23 17.22 9.40
N PHE A 129 3.39 18.53 9.26
CA PHE A 129 2.54 19.34 8.41
C PHE A 129 3.19 19.68 7.06
N GLU A 130 4.17 18.89 6.62
CA GLU A 130 4.90 19.20 5.41
C GLU A 130 4.05 19.13 4.15
N ASN A 131 2.84 18.58 4.21
CA ASN A 131 1.94 18.50 3.07
C ASN A 131 0.79 19.47 3.17
N LEU A 132 0.72 20.25 4.25
CA LEU A 132 -0.32 21.25 4.36
C LEU A 132 -0.16 22.29 3.26
N GLU A 133 -1.24 22.51 2.52
CA GLU A 133 -1.21 23.45 1.42
C GLU A 133 -1.90 24.74 1.75
N ILE A 134 -3.07 24.69 2.40
CA ILE A 134 -3.94 25.86 2.57
C ILE A 134 -4.50 25.92 3.98
N ILE A 135 -4.46 27.12 4.56
CA ILE A 135 -5.20 27.44 5.78
C ILE A 135 -6.20 28.52 5.39
N ARG A 136 -7.49 28.23 5.53
CA ARG A 136 -8.48 29.17 5.01
C ARG A 136 -8.81 30.26 6.01
N GLY A 137 -8.76 29.95 7.30
CA GLY A 137 -8.97 30.96 8.33
C GLY A 137 -10.39 31.46 8.40
N ARG A 138 -11.37 30.60 8.17
CA ARG A 138 -12.76 31.01 8.35
C ARG A 138 -13.08 31.25 9.83
N THR A 139 -12.42 30.53 10.73
CA THR A 139 -12.39 30.86 12.14
C THR A 139 -10.96 31.19 12.54
N LYS A 140 -10.81 32.06 13.54
CA LYS A 140 -9.51 32.59 13.91
C LYS A 140 -9.32 32.60 15.42
N GLN A 141 -8.09 32.31 15.85
CA GLN A 141 -7.73 32.48 17.25
C GLN A 141 -7.86 33.94 17.67
N HIS A 142 -8.54 34.17 18.79
CA HIS A 142 -8.82 35.53 19.27
C HIS A 142 -9.47 36.38 18.18
N GLY A 143 -10.11 35.74 17.20
CA GLY A 143 -10.69 36.48 16.09
C GLY A 143 -9.67 37.17 15.22
N GLN A 144 -8.44 36.70 15.21
CA GLN A 144 -7.33 37.40 14.59
C GLN A 144 -6.44 36.48 13.78
N PHE A 145 -5.96 35.41 14.41
CA PHE A 145 -4.89 34.62 13.83
C PHE A 145 -5.44 33.36 13.19
N SER A 146 -4.91 33.03 12.01
CA SER A 146 -5.19 31.76 11.36
C SER A 146 -4.03 30.79 11.44
N LEU A 147 -2.81 31.28 11.63
CA LEU A 147 -1.65 30.45 11.89
C LEU A 147 -0.91 31.06 13.07
N ALA A 148 -0.64 30.25 14.09
CA ALA A 148 0.05 30.74 15.28
C ALA A 148 1.03 29.67 15.75
N VAL A 149 2.30 30.02 15.81
CA VAL A 149 3.38 29.10 16.18
C VAL A 149 4.18 29.79 17.28
N VAL A 150 3.99 29.35 18.54
CA VAL A 150 4.51 30.09 19.69
C VAL A 150 5.23 29.15 20.67
N SER A 151 6.42 29.56 21.11
CA SER A 151 7.10 28.94 22.25
C SER A 151 7.65 27.56 21.95
N LEU A 152 7.95 27.28 20.67
CA LEU A 152 8.56 26.01 20.28
C LEU A 152 10.07 26.12 20.32
N ASN A 153 10.74 24.97 20.22
CA ASN A 153 12.19 24.92 20.10
C ASN A 153 12.65 24.64 18.67
N ILE A 154 11.74 24.59 17.69
CA ILE A 154 12.11 24.21 16.33
C ILE A 154 13.14 25.19 15.76
N THR A 155 13.98 24.69 14.85
CA THR A 155 14.91 25.56 14.15
C THR A 155 14.41 25.99 12.76
N SER A 156 13.37 25.36 12.22
CA SER A 156 12.70 25.91 11.04
C SER A 156 11.25 25.47 11.02
N LEU A 157 10.45 26.16 10.23
CA LEU A 157 9.02 25.85 10.22
C LEU A 157 8.73 24.60 9.39
N GLY A 158 9.31 24.51 8.20
CA GLY A 158 9.18 23.32 7.40
C GLY A 158 7.82 23.09 6.77
N LEU A 159 6.94 24.10 6.74
CA LEU A 159 5.67 23.99 6.03
C LEU A 159 5.91 24.14 4.53
N ARG A 160 6.60 23.15 3.97
CA ARG A 160 7.15 23.35 2.62
C ARG A 160 6.08 23.34 1.54
N SER A 161 4.88 22.85 1.81
CA SER A 161 3.79 22.86 0.83
C SER A 161 2.83 24.03 1.01
N LEU A 162 2.99 24.85 2.05
CA LEU A 162 2.00 25.89 2.33
C LEU A 162 2.02 26.99 1.25
N LYS A 163 0.88 27.26 0.62
CA LYS A 163 0.84 28.20 -0.50
C LYS A 163 -0.19 29.30 -0.34
N GLU A 164 -1.17 29.12 0.56
CA GLU A 164 -2.23 30.10 0.73
C GLU A 164 -2.65 30.12 2.19
N ILE A 165 -2.75 31.32 2.77
CA ILE A 165 -3.47 31.56 4.02
C ILE A 165 -4.58 32.54 3.66
N SER A 166 -5.80 32.04 3.47
CA SER A 166 -6.82 32.82 2.78
C SER A 166 -7.20 34.08 3.56
N ASP A 167 -7.28 33.98 4.88
CA ASP A 167 -7.68 35.09 5.75
C ASP A 167 -7.01 34.90 7.11
N GLY A 168 -7.05 35.96 7.92
CA GLY A 168 -6.49 35.91 9.26
C GLY A 168 -5.00 36.19 9.30
N ASP A 169 -4.52 36.70 10.43
CA ASP A 169 -3.11 37.04 10.59
C ASP A 169 -2.29 35.81 10.99
N VAL A 170 -0.98 35.96 10.86
CA VAL A 170 0.01 34.94 11.21
C VAL A 170 0.81 35.46 12.39
N ILE A 171 1.07 34.60 13.38
CA ILE A 171 1.88 34.99 14.53
C ILE A 171 2.95 33.91 14.77
N ILE A 172 4.21 34.32 14.75
CA ILE A 172 5.35 33.44 14.99
C ILE A 172 6.29 34.12 15.98
N SER A 173 6.21 33.73 17.24
CA SER A 173 6.87 34.48 18.30
C SER A 173 7.37 33.53 19.38
N GLY A 174 8.48 33.92 20.00
CA GLY A 174 8.99 33.17 21.12
C GLY A 174 9.61 31.85 20.74
N ASN A 175 9.97 31.68 19.48
CA ASN A 175 10.61 30.45 19.01
C ASN A 175 12.12 30.72 18.97
N LYS A 176 12.75 30.55 20.12
CA LYS A 176 14.10 31.07 20.33
C LYS A 176 15.14 30.47 19.40
N ASN A 177 14.88 29.32 18.78
CA ASN A 177 15.83 28.71 17.84
C ASN A 177 15.39 28.84 16.39
N LEU A 178 14.27 29.49 16.15
CA LEU A 178 13.63 29.46 14.85
C LEU A 178 14.30 30.46 13.92
N CYS A 179 14.76 29.97 12.78
CA CYS A 179 15.27 30.80 11.69
C CYS A 179 14.34 30.72 10.50
N TYR A 180 14.74 31.37 9.41
CA TYR A 180 14.09 31.32 8.10
C TYR A 180 12.74 32.04 8.08
N ALA A 181 12.14 32.29 9.24
CA ALA A 181 10.79 32.85 9.23
C ALA A 181 10.79 34.25 8.61
N ASN A 182 11.90 34.98 8.70
CA ASN A 182 11.97 36.33 8.17
C ASN A 182 12.00 36.36 6.66
N THR A 183 12.38 35.25 6.00
CA THR A 183 12.59 35.29 4.56
C THR A 183 11.31 35.21 3.75
N ILE A 184 10.22 34.76 4.35
CA ILE A 184 8.98 34.57 3.61
C ILE A 184 8.41 35.92 3.21
N ASN A 185 8.02 36.04 1.95
CA ASN A 185 7.15 37.14 1.55
C ASN A 185 5.73 36.63 1.70
N TRP A 186 5.13 36.89 2.86
CA TRP A 186 3.83 36.32 3.20
C TRP A 186 2.75 36.78 2.24
N LYS A 187 2.97 37.87 1.51
CA LYS A 187 1.98 38.34 0.55
C LYS A 187 1.71 37.30 -0.52
N LYS A 188 2.71 36.48 -0.86
CA LYS A 188 2.51 35.43 -1.85
C LYS A 188 1.49 34.40 -1.40
N LEU A 189 1.22 34.30 -0.10
CA LEU A 189 0.26 33.33 0.42
C LEU A 189 -1.08 33.95 0.75
N PHE A 190 -1.06 35.22 1.19
CA PHE A 190 -2.27 35.90 1.62
C PHE A 190 -3.21 36.13 0.44
N GLY A 191 -4.51 36.07 0.72
CA GLY A 191 -5.51 36.40 -0.27
C GLY A 191 -6.53 37.43 0.15
N THR A 192 -6.29 38.12 1.26
CA THR A 192 -7.23 39.09 1.80
C THR A 192 -6.51 40.35 2.21
N SER A 193 -7.14 41.49 1.99
CA SER A 193 -6.53 42.76 2.34
C SER A 193 -6.49 42.90 3.86
N GLY A 194 -5.38 43.40 4.38
CA GLY A 194 -5.23 43.64 5.78
C GLY A 194 -4.49 42.54 6.53
N GLN A 195 -4.39 41.35 5.95
CA GLN A 195 -3.63 40.29 6.58
C GLN A 195 -2.24 40.79 6.91
N LYS A 196 -1.72 40.33 8.05
CA LYS A 196 -0.41 40.78 8.50
C LYS A 196 0.26 39.68 9.31
N THR A 197 1.57 39.82 9.47
CA THR A 197 2.37 38.91 10.25
C THR A 197 2.91 39.63 11.46
N LYS A 198 2.96 38.92 12.58
CA LYS A 198 3.74 39.32 13.75
C LYS A 198 4.80 38.25 13.94
N ILE A 199 6.02 38.52 13.49
CA ILE A 199 7.14 37.61 13.61
C ILE A 199 8.16 38.26 14.51
N ILE A 200 8.31 37.74 15.73
CA ILE A 200 9.07 38.45 16.75
C ILE A 200 9.61 37.47 17.76
N SER A 201 10.74 37.82 18.38
CA SER A 201 11.32 37.05 19.45
C SER A 201 11.60 35.61 19.02
N ASN A 202 12.05 35.45 17.78
CA ASN A 202 12.61 34.20 17.32
C ASN A 202 14.12 34.37 17.31
N ARG A 203 14.85 33.44 16.73
CA ARG A 203 16.29 33.62 16.71
C ARG A 203 16.65 34.88 15.91
N GLY A 204 17.69 35.56 16.34
CA GLY A 204 18.05 36.83 15.70
C GLY A 204 18.54 36.61 14.28
N GLU A 205 18.22 37.57 13.41
CA GLU A 205 18.64 37.50 12.02
C GLU A 205 20.15 37.26 11.90
N ASN A 206 20.95 38.11 12.55
CA ASN A 206 22.40 37.97 12.48
C ASN A 206 22.82 36.58 12.92
N SER A 207 22.23 36.10 14.00
CA SER A 207 22.55 34.77 14.50
C SER A 207 22.25 33.70 13.45
N CYS A 208 21.09 33.80 12.80
CA CYS A 208 20.75 32.81 11.79
C CYS A 208 21.76 32.86 10.64
N LYS A 209 22.12 34.05 10.18
CA LYS A 209 23.10 34.15 9.10
C LYS A 209 24.45 33.56 9.53
N ALA A 210 24.91 33.88 10.75
CA ALA A 210 26.23 33.46 11.20
C ALA A 210 26.33 31.97 11.41
N THR A 211 25.20 31.28 11.60
CA THR A 211 25.19 29.83 11.66
C THR A 211 24.69 29.21 10.36
N GLY A 212 24.71 29.97 9.27
CA GLY A 212 24.42 29.40 7.96
C GLY A 212 22.98 28.99 7.74
N GLN A 213 22.05 29.51 8.52
CA GLN A 213 20.64 29.14 8.38
C GLN A 213 19.96 30.20 7.51
N VAL A 214 20.10 30.00 6.20
CA VAL A 214 19.63 30.92 5.18
C VAL A 214 19.07 30.10 4.03
N CYS A 215 18.28 30.75 3.18
CA CYS A 215 17.66 30.05 2.07
C CYS A 215 18.71 29.52 1.09
N HIS A 216 18.41 28.36 0.51
CA HIS A 216 19.32 27.77 -0.47
C HIS A 216 19.47 28.69 -1.67
N ALA A 217 20.63 28.57 -2.33
CA ALA A 217 20.87 29.38 -3.53
C ALA A 217 19.83 29.15 -4.62
N LEU A 218 19.29 27.93 -4.71
CA LEU A 218 18.33 27.63 -5.76
C LEU A 218 16.92 28.15 -5.46
N CYS A 219 16.73 28.86 -4.35
CA CYS A 219 15.43 29.45 -4.05
C CYS A 219 15.33 30.81 -4.74
N SER A 220 14.10 31.19 -5.10
CA SER A 220 13.83 32.54 -5.52
C SER A 220 13.93 33.47 -4.32
N PRO A 221 13.87 34.78 -4.54
CA PRO A 221 13.90 35.72 -3.40
C PRO A 221 12.64 35.69 -2.53
N GLU A 222 11.65 34.86 -2.85
CA GLU A 222 10.42 34.83 -2.05
C GLU A 222 10.59 34.13 -0.70
N GLY A 223 11.75 33.55 -0.40
CA GLY A 223 11.97 32.98 0.92
C GLY A 223 11.88 31.46 0.95
N CYS A 224 11.94 30.94 2.17
CA CYS A 224 12.06 29.50 2.34
C CYS A 224 11.55 29.08 3.71
N TRP A 225 11.23 27.80 3.81
CA TRP A 225 10.76 27.16 5.02
C TRP A 225 11.88 26.42 5.77
N GLY A 226 13.11 26.48 5.27
CA GLY A 226 14.19 25.67 5.77
C GLY A 226 15.37 25.88 4.86
N PRO A 227 16.47 25.16 5.11
CA PRO A 227 17.69 25.34 4.28
C PRO A 227 17.73 24.57 2.98
N GLU A 228 16.82 23.63 2.75
CA GLU A 228 17.02 22.73 1.63
C GLU A 228 16.43 23.30 0.35
N PRO A 229 16.89 22.81 -0.80
CA PRO A 229 16.25 23.20 -2.06
C PRO A 229 14.80 22.76 -2.17
N ARG A 230 14.34 21.83 -1.35
CA ARG A 230 12.92 21.50 -1.35
C ARG A 230 12.12 22.34 -0.35
N ASP A 231 12.71 23.39 0.21
CA ASP A 231 12.04 24.27 1.17
C ASP A 231 11.74 25.64 0.58
N CYS A 232 11.95 25.86 -0.72
CA CYS A 232 11.74 27.16 -1.31
C CYS A 232 10.26 27.49 -1.45
N VAL A 233 9.92 28.75 -1.19
CA VAL A 233 8.57 29.21 -1.55
C VAL A 233 8.37 29.09 -3.05
N SER A 234 9.41 29.37 -3.83
CA SER A 234 9.38 29.15 -5.27
C SER A 234 10.82 29.13 -5.76
N CYS A 235 11.02 28.61 -6.97
CA CYS A 235 12.35 28.27 -7.45
C CYS A 235 13.04 29.45 -8.14
N ARG A 236 14.38 29.43 -8.08
CA ARG A 236 15.15 30.37 -8.89
C ARG A 236 15.06 30.04 -10.37
N ASN A 237 15.13 28.76 -10.72
CA ASN A 237 15.16 28.36 -12.13
C ASN A 237 13.97 27.47 -12.45
N VAL A 238 14.13 26.17 -12.21
CA VAL A 238 13.08 25.19 -12.45
C VAL A 238 12.98 24.24 -11.26
N SER A 239 11.86 23.52 -11.22
CA SER A 239 11.59 22.53 -10.19
C SER A 239 11.49 21.15 -10.82
N ARG A 240 11.79 20.13 -10.03
CA ARG A 240 11.55 18.73 -10.38
C ARG A 240 10.86 18.11 -9.17
N GLY A 241 9.61 17.72 -9.35
CA GLY A 241 8.80 17.37 -8.21
C GLY A 241 8.75 18.55 -7.27
N ARG A 242 9.05 18.33 -6.00
CA ARG A 242 9.05 19.42 -5.04
C ARG A 242 10.47 19.89 -4.72
N GLU A 243 11.42 19.66 -5.63
CA GLU A 243 12.77 20.14 -5.40
C GLU A 243 13.11 21.24 -6.41
N CYS A 244 13.77 22.30 -5.95
CA CYS A 244 14.28 23.31 -6.87
C CYS A 244 15.65 22.88 -7.40
N VAL A 245 15.84 23.00 -8.71
CA VAL A 245 17.06 22.54 -9.34
C VAL A 245 17.54 23.61 -10.32
N ASP A 246 18.78 23.43 -10.80
CA ASP A 246 19.37 24.44 -11.67
C ASP A 246 18.86 24.32 -13.11
N LYS A 247 18.64 23.11 -13.62
CA LYS A 247 18.22 22.97 -15.01
C LYS A 247 17.62 21.57 -15.25
N CYS A 248 16.67 21.51 -16.18
CA CYS A 248 16.13 20.22 -16.60
C CYS A 248 17.15 19.47 -17.46
N ASN A 249 16.94 18.16 -17.57
CA ASN A 249 17.83 17.30 -18.40
C ASN A 249 17.36 17.37 -19.85
N LEU A 250 17.71 18.43 -20.56
CA LEU A 250 17.28 18.67 -21.93
C LEU A 250 18.18 18.00 -22.97
N LEU A 251 19.50 18.11 -22.79
CA LEU A 251 20.47 17.56 -23.73
C LEU A 251 21.31 16.43 -23.16
N GLU A 252 21.44 16.33 -21.84
CA GLU A 252 22.17 15.24 -21.20
C GLU A 252 21.35 14.75 -20.02
N GLY A 253 21.78 13.64 -19.43
CA GLY A 253 21.12 13.12 -18.25
C GLY A 253 20.01 12.15 -18.58
N GLU A 254 19.65 11.36 -17.56
CA GLU A 254 18.61 10.35 -17.66
C GLU A 254 17.70 10.48 -16.45
N PRO A 255 16.37 10.51 -16.62
CA PRO A 255 15.69 10.47 -17.91
C PRO A 255 15.63 11.85 -18.54
N ARG A 256 15.60 11.92 -19.86
CA ARG A 256 15.51 13.23 -20.52
C ARG A 256 14.15 13.86 -20.22
N GLU A 257 14.11 15.19 -20.26
CA GLU A 257 12.93 15.93 -19.85
C GLU A 257 12.66 17.08 -20.80
N PHE A 258 11.48 17.66 -20.69
CA PHE A 258 11.18 18.98 -21.23
C PHE A 258 10.63 19.87 -20.13
N VAL A 259 10.66 21.18 -20.37
CA VAL A 259 10.25 22.18 -19.38
C VAL A 259 8.81 22.58 -19.65
N GLU A 260 7.95 22.40 -18.65
CA GLU A 260 6.54 22.79 -18.71
C GLU A 260 6.29 23.75 -17.56
N ASN A 261 6.12 25.03 -17.88
CA ASN A 261 5.92 26.09 -16.89
C ASN A 261 6.94 26.00 -15.76
N SER A 262 8.20 25.95 -16.13
CA SER A 262 9.32 25.94 -15.21
C SER A 262 9.42 24.66 -14.39
N GLU A 263 8.69 23.61 -14.76
CA GLU A 263 8.81 22.30 -14.14
C GLU A 263 9.48 21.32 -15.09
N CYS A 264 10.40 20.52 -14.57
CA CYS A 264 11.04 19.46 -15.35
C CYS A 264 10.09 18.28 -15.44
N ILE A 265 9.63 17.96 -16.66
CA ILE A 265 8.70 16.86 -16.87
C ILE A 265 9.42 15.79 -17.68
N GLN A 266 9.32 14.56 -17.21
CA GLN A 266 10.01 13.44 -17.82
C GLN A 266 9.53 13.21 -19.25
N CYS A 267 10.45 12.78 -20.07
CA CYS A 267 10.13 12.40 -21.44
C CYS A 267 9.51 11.01 -21.47
N HIS A 268 8.63 10.78 -22.44
CA HIS A 268 8.05 9.45 -22.59
C HIS A 268 9.17 8.44 -22.84
N PRO A 269 9.05 7.22 -22.31
CA PRO A 269 10.12 6.23 -22.53
C PRO A 269 10.22 5.73 -23.96
N GLU A 270 9.19 5.89 -24.79
CA GLU A 270 9.36 5.52 -26.19
C GLU A 270 10.16 6.56 -26.97
N CYS A 271 10.32 7.77 -26.44
CA CYS A 271 11.18 8.76 -27.09
C CYS A 271 12.65 8.37 -26.93
N LEU A 272 13.32 8.11 -28.06
CA LEU A 272 14.75 7.77 -28.00
C LEU A 272 15.56 9.01 -27.63
N PRO A 273 16.46 8.92 -26.66
CA PRO A 273 17.27 10.09 -26.28
C PRO A 273 18.23 10.50 -27.38
N GLN A 274 18.32 11.80 -27.60
CA GLN A 274 19.07 12.38 -28.72
C GLN A 274 20.40 12.92 -28.20
N ALA A 275 21.51 12.43 -28.76
CA ALA A 275 22.84 12.86 -28.31
C ALA A 275 23.03 14.36 -28.55
N MET A 276 22.59 14.85 -29.70
CA MET A 276 22.71 16.27 -30.02
C MET A 276 21.43 17.02 -29.64
N ASN A 277 20.34 16.73 -30.35
CA ASN A 277 19.05 17.40 -30.18
C ASN A 277 18.47 17.22 -28.77
N ILE A 278 17.33 17.89 -28.54
CA ILE A 278 16.47 17.56 -27.41
C ILE A 278 15.83 16.20 -27.68
N THR A 279 15.09 15.68 -26.71
CA THR A 279 14.41 14.40 -26.91
C THR A 279 12.90 14.53 -27.06
N CYS A 280 12.26 15.52 -26.44
CA CYS A 280 10.80 15.68 -26.49
C CYS A 280 10.44 17.12 -26.79
N THR A 281 9.19 17.30 -27.18
CA THR A 281 8.59 18.63 -27.20
C THR A 281 7.45 18.72 -26.20
N GLY A 282 7.25 17.69 -25.41
CA GLY A 282 6.15 17.67 -24.47
C GLY A 282 5.87 16.24 -24.05
N ARG A 283 4.68 16.05 -23.48
CA ARG A 283 4.32 14.77 -22.89
C ARG A 283 3.82 13.80 -23.95
N GLY A 284 3.90 12.53 -23.61
CA GLY A 284 3.27 11.49 -24.39
C GLY A 284 4.19 10.94 -25.46
N PRO A 285 3.76 9.85 -26.10
CA PRO A 285 4.55 9.25 -27.18
C PRO A 285 4.37 9.91 -28.54
N ASP A 286 3.55 10.95 -28.64
CA ASP A 286 3.43 11.70 -29.89
C ASP A 286 4.38 12.89 -29.96
N ASN A 287 5.13 13.19 -28.89
CA ASN A 287 5.98 14.37 -28.85
C ASN A 287 7.46 14.02 -28.80
N CYS A 288 7.83 12.83 -29.26
CA CYS A 288 9.23 12.44 -29.38
C CYS A 288 9.86 13.02 -30.63
N ILE A 289 11.15 13.31 -30.53
CA ILE A 289 11.94 13.65 -31.72
C ILE A 289 12.12 12.40 -32.57
N GLN A 290 12.47 11.29 -31.94
CA GLN A 290 12.71 10.03 -32.64
C GLN A 290 12.21 8.90 -31.75
N CYS A 291 11.40 8.02 -32.33
CA CYS A 291 10.86 6.90 -31.58
C CYS A 291 11.95 5.90 -31.24
N ALA A 292 11.76 5.20 -30.13
CA ALA A 292 12.75 4.24 -29.64
C ALA A 292 12.56 2.84 -30.21
N HIS A 293 11.32 2.40 -30.43
CA HIS A 293 11.12 1.04 -30.94
C HIS A 293 10.34 1.04 -32.26
N TYR A 294 9.01 1.17 -32.22
CA TYR A 294 8.24 1.19 -33.46
C TYR A 294 7.40 2.46 -33.57
N ILE A 295 6.99 2.74 -34.80
CA ILE A 295 6.23 3.95 -35.14
C ILE A 295 4.88 3.52 -35.67
N ASP A 296 3.82 3.82 -34.93
CA ASP A 296 2.45 3.65 -35.38
C ASP A 296 1.90 5.05 -35.63
N GLY A 297 2.17 5.55 -36.84
CA GLY A 297 1.75 6.88 -37.23
C GLY A 297 2.44 7.96 -36.43
N PRO A 298 1.66 8.81 -35.78
CA PRO A 298 2.25 9.80 -34.86
C PRO A 298 2.71 9.20 -33.53
N HIS A 299 2.44 7.92 -33.24
CA HIS A 299 2.73 7.33 -31.93
C HIS A 299 4.05 6.57 -31.94
N CYS A 300 4.94 6.88 -30.99
CA CYS A 300 6.03 5.96 -30.70
C CYS A 300 5.50 4.91 -29.74
N VAL A 301 5.81 3.63 -30.01
CA VAL A 301 5.23 2.52 -29.28
C VAL A 301 6.24 1.40 -29.10
N LYS A 302 6.09 0.68 -27.99
CA LYS A 302 6.98 -0.43 -27.70
C LYS A 302 6.75 -1.59 -28.65
N THR A 303 5.49 -1.92 -28.91
CA THR A 303 5.13 -2.97 -29.85
C THR A 303 3.95 -2.48 -30.68
N CYS A 304 3.97 -2.80 -31.98
CA CYS A 304 2.87 -2.43 -32.85
C CYS A 304 1.56 -2.94 -32.26
N PRO A 305 0.47 -2.18 -32.41
CA PRO A 305 -0.80 -2.61 -31.80
C PRO A 305 -1.21 -3.98 -32.31
N ALA A 306 -1.74 -4.80 -31.42
CA ALA A 306 -2.15 -6.16 -31.77
C ALA A 306 -3.44 -6.46 -31.02
N GLY A 307 -4.57 -6.07 -31.60
CA GLY A 307 -5.85 -6.34 -30.99
C GLY A 307 -6.55 -5.14 -30.41
N VAL A 308 -6.01 -3.94 -30.58
CA VAL A 308 -6.66 -2.76 -30.01
C VAL A 308 -7.97 -2.50 -30.74
N MET A 309 -8.82 -1.70 -30.10
CA MET A 309 -10.16 -1.46 -30.62
C MET A 309 -10.16 -0.32 -31.64
N GLY A 310 -10.97 -0.48 -32.69
CA GLY A 310 -11.03 0.48 -33.77
C GLY A 310 -12.44 0.99 -34.04
N GLU A 311 -12.51 1.95 -34.96
CA GLU A 311 -13.76 2.56 -35.41
C GLU A 311 -14.45 1.60 -36.39
N ASN A 312 -15.23 0.67 -35.82
CA ASN A 312 -15.88 -0.42 -36.55
C ASN A 312 -16.03 -1.59 -35.59
N ASN A 313 -16.82 -2.59 -35.97
CA ASN A 313 -16.93 -3.82 -35.20
C ASN A 313 -15.79 -4.78 -35.55
N THR A 314 -14.57 -4.27 -35.36
CA THR A 314 -13.34 -4.96 -35.74
C THR A 314 -12.19 -4.48 -34.88
N LEU A 315 -11.25 -5.39 -34.62
CA LEU A 315 -10.05 -5.06 -33.86
C LEU A 315 -8.93 -4.70 -34.82
N VAL A 316 -8.04 -3.81 -34.37
CA VAL A 316 -6.92 -3.34 -35.17
C VAL A 316 -5.69 -4.20 -34.91
N TRP A 317 -5.24 -4.90 -35.94
CA TRP A 317 -4.00 -5.68 -35.91
C TRP A 317 -2.98 -5.06 -36.85
N LYS A 318 -1.74 -4.90 -36.38
CA LYS A 318 -0.69 -4.32 -37.20
C LYS A 318 0.59 -5.14 -37.09
N TYR A 319 1.54 -4.79 -37.96
CA TYR A 319 2.85 -5.44 -38.02
C TYR A 319 3.90 -4.39 -38.38
N ALA A 320 5.15 -4.69 -38.07
CA ALA A 320 6.25 -3.75 -38.30
C ALA A 320 7.05 -4.16 -39.54
N ASP A 321 7.36 -3.16 -40.37
CA ASP A 321 8.14 -3.41 -41.56
C ASP A 321 9.63 -3.27 -41.23
N ALA A 322 10.47 -3.27 -42.27
CA ALA A 322 11.92 -3.17 -42.06
C ALA A 322 12.28 -1.91 -41.28
N GLY A 323 11.63 -0.80 -41.58
CA GLY A 323 11.90 0.46 -40.91
C GLY A 323 11.10 0.68 -39.66
N HIS A 324 10.62 -0.42 -39.06
CA HIS A 324 9.91 -0.36 -37.78
C HIS A 324 8.73 0.61 -37.83
N VAL A 325 8.08 0.70 -38.98
CA VAL A 325 6.80 1.39 -39.09
C VAL A 325 5.69 0.35 -39.00
N CYS A 326 4.59 0.72 -38.34
CA CYS A 326 3.47 -0.20 -38.16
C CYS A 326 2.49 -0.03 -39.31
N HIS A 327 2.00 -1.15 -39.82
CA HIS A 327 1.06 -1.19 -40.93
C HIS A 327 -0.07 -2.15 -40.62
N LEU A 328 -1.28 -1.74 -41.01
CA LEU A 328 -2.44 -2.61 -40.88
C LEU A 328 -2.13 -3.96 -41.52
N CYS A 329 -2.70 -5.00 -40.96
CA CYS A 329 -2.58 -6.34 -41.52
C CYS A 329 -3.73 -6.60 -42.46
N HIS A 330 -3.63 -7.71 -43.17
CA HIS A 330 -4.69 -8.08 -44.08
C HIS A 330 -5.98 -8.27 -43.30
N PRO A 331 -7.11 -7.74 -43.81
CA PRO A 331 -8.38 -7.89 -43.08
C PRO A 331 -8.69 -9.32 -42.67
N ASN A 332 -8.36 -10.31 -43.49
CA ASN A 332 -8.67 -11.69 -43.10
C ASN A 332 -7.81 -12.19 -41.95
N CYS A 333 -6.92 -11.36 -41.44
CA CYS A 333 -6.01 -11.78 -40.37
C CYS A 333 -6.60 -11.34 -39.03
N THR A 334 -7.46 -12.20 -38.50
CA THR A 334 -8.24 -11.84 -37.33
C THR A 334 -7.47 -12.04 -36.04
N TYR A 335 -6.40 -12.84 -36.05
CA TYR A 335 -5.55 -13.06 -34.88
C TYR A 335 -4.14 -12.50 -35.08
N GLY A 336 -3.97 -11.53 -35.97
CA GLY A 336 -2.67 -10.91 -36.17
C GLY A 336 -1.91 -11.53 -37.34
N CYS A 337 -0.68 -11.06 -37.48
CA CYS A 337 0.06 -11.07 -38.74
C CYS A 337 1.52 -10.74 -38.45
N THR A 338 2.39 -11.18 -39.33
CA THR A 338 3.78 -10.74 -39.27
C THR A 338 4.23 -10.00 -40.52
N GLY A 339 3.57 -10.22 -41.66
CA GLY A 339 3.88 -9.53 -42.88
C GLY A 339 2.59 -9.25 -43.63
N PRO A 340 2.66 -8.41 -44.66
CA PRO A 340 1.43 -8.10 -45.42
C PRO A 340 0.90 -9.32 -46.14
N GLY A 341 -0.41 -9.30 -46.37
CA GLY A 341 -1.05 -10.33 -47.19
C GLY A 341 -1.56 -11.51 -46.39
N LEU A 342 -2.22 -12.41 -47.11
CA LEU A 342 -2.71 -13.62 -46.48
C LEU A 342 -1.55 -14.48 -45.97
N GLU A 343 -0.44 -14.53 -46.71
CA GLU A 343 0.76 -15.22 -46.24
C GLU A 343 1.15 -14.81 -44.84
N GLY A 344 0.82 -13.59 -44.41
CA GLY A 344 1.18 -13.16 -43.07
C GLY A 344 0.44 -13.86 -41.94
N CYS A 345 -0.62 -14.62 -42.24
CA CYS A 345 -1.45 -15.23 -41.21
C CYS A 345 -1.75 -16.68 -41.52
N PRO A 346 -0.71 -17.51 -41.74
CA PRO A 346 -0.87 -18.90 -42.14
C PRO A 346 -1.47 -19.76 -41.03
N LYS B 37 -9.37 -3.42 12.39
CA LYS B 37 -9.24 -3.41 10.93
C LYS B 37 -9.50 -4.80 10.36
N CYS B 38 -9.86 -4.86 9.08
CA CYS B 38 -10.07 -6.14 8.41
C CYS B 38 -8.82 -7.01 8.56
N GLU B 39 -9.02 -8.32 8.55
CA GLU B 39 -7.93 -9.28 8.41
C GLU B 39 -7.53 -9.33 6.93
N GLY B 40 -6.36 -8.80 6.61
CA GLY B 40 -5.92 -8.71 5.23
C GLY B 40 -6.71 -7.67 4.47
N PRO B 41 -7.00 -7.95 3.20
CA PRO B 41 -7.93 -7.08 2.45
C PRO B 41 -9.33 -7.12 3.07
N CYS B 42 -10.16 -6.16 2.68
CA CYS B 42 -11.52 -6.12 3.20
C CYS B 42 -12.46 -6.87 2.27
N ARG B 43 -13.55 -7.37 2.83
CA ARG B 43 -14.48 -8.20 2.08
C ARG B 43 -15.17 -7.37 1.00
N LYS B 44 -14.97 -7.78 -0.26
CA LYS B 44 -15.57 -7.10 -1.41
C LYS B 44 -16.26 -8.14 -2.28
N VAL B 45 -17.58 -8.03 -2.41
CA VAL B 45 -18.38 -8.99 -3.16
C VAL B 45 -18.61 -8.45 -4.56
N CYS B 46 -18.28 -9.25 -5.56
CA CYS B 46 -18.43 -8.86 -6.95
C CYS B 46 -19.25 -9.90 -7.69
N ASN B 47 -20.13 -9.44 -8.56
CA ASN B 47 -20.98 -10.36 -9.29
C ASN B 47 -20.15 -11.20 -10.27
N GLY B 48 -20.62 -12.42 -10.51
CA GLY B 48 -19.94 -13.33 -11.40
C GLY B 48 -20.22 -13.01 -12.87
N ILE B 49 -19.69 -13.90 -13.73
CA ILE B 49 -19.87 -13.75 -15.16
C ILE B 49 -21.30 -14.12 -15.53
N GLY B 50 -21.95 -13.22 -16.28
CA GLY B 50 -23.35 -13.39 -16.62
C GLY B 50 -24.34 -12.76 -15.67
N ILE B 51 -23.87 -11.95 -14.73
CA ILE B 51 -24.73 -11.33 -13.73
C ILE B 51 -24.44 -9.83 -13.71
N GLY B 52 -25.49 -9.04 -13.48
CA GLY B 52 -25.36 -7.60 -13.30
C GLY B 52 -24.48 -6.93 -14.34
N GLU B 53 -23.39 -6.29 -13.90
CA GLU B 53 -22.53 -5.60 -14.83
C GLU B 53 -21.80 -6.53 -15.78
N PHE B 54 -21.86 -7.84 -15.55
CA PHE B 54 -21.28 -8.82 -16.48
C PHE B 54 -22.34 -9.67 -17.15
N LYS B 55 -23.57 -9.19 -17.25
CA LYS B 55 -24.57 -9.92 -18.02
C LYS B 55 -24.23 -9.84 -19.51
N ASP B 56 -24.54 -10.92 -20.21
CA ASP B 56 -24.25 -11.04 -21.64
C ASP B 56 -22.75 -11.12 -21.92
N SER B 57 -21.96 -11.50 -20.93
CA SER B 57 -20.52 -11.69 -21.07
C SER B 57 -20.22 -13.19 -21.05
N LEU B 58 -19.52 -13.67 -22.07
CA LEU B 58 -19.16 -15.08 -22.10
C LEU B 58 -18.03 -15.39 -21.12
N SER B 59 -17.12 -14.45 -20.87
CA SER B 59 -15.91 -14.79 -20.15
C SER B 59 -15.29 -13.57 -19.49
N ILE B 60 -14.47 -13.84 -18.47
CA ILE B 60 -13.49 -12.87 -18.04
C ILE B 60 -12.67 -12.43 -19.25
N ASN B 61 -12.44 -11.13 -19.40
CA ASN B 61 -11.71 -10.68 -20.57
C ASN B 61 -11.18 -9.27 -20.32
N ALA B 62 -10.39 -8.78 -21.28
CA ALA B 62 -9.66 -7.53 -21.14
C ALA B 62 -10.55 -6.36 -20.73
N THR B 63 -11.83 -6.40 -21.11
CA THR B 63 -12.74 -5.30 -20.82
C THR B 63 -13.35 -5.37 -19.42
N ASN B 64 -13.56 -6.56 -18.87
CA ASN B 64 -14.17 -6.67 -17.55
C ASN B 64 -13.18 -7.06 -16.46
N ILE B 65 -11.98 -7.50 -16.81
CA ILE B 65 -11.04 -7.98 -15.79
C ILE B 65 -10.81 -6.91 -14.72
N LYS B 66 -10.65 -5.65 -15.15
CA LYS B 66 -10.38 -4.57 -14.19
C LYS B 66 -11.50 -4.45 -13.17
N HIS B 67 -12.75 -4.73 -13.55
CA HIS B 67 -13.85 -4.64 -12.60
C HIS B 67 -13.85 -5.73 -11.55
N PHE B 68 -12.84 -6.61 -11.52
CA PHE B 68 -12.68 -7.56 -10.43
C PHE B 68 -11.56 -7.16 -9.48
N LYS B 69 -11.01 -5.95 -9.62
CA LYS B 69 -9.92 -5.52 -8.76
C LYS B 69 -10.37 -5.50 -7.29
N ASN B 70 -9.58 -6.17 -6.45
CA ASN B 70 -9.77 -6.23 -5.00
C ASN B 70 -11.06 -6.96 -4.61
N CYS B 71 -11.60 -7.79 -5.51
CA CYS B 71 -12.74 -8.63 -5.17
C CYS B 71 -12.25 -9.83 -4.37
N THR B 72 -12.99 -10.17 -3.32
CA THR B 72 -12.66 -11.33 -2.50
C THR B 72 -13.71 -12.42 -2.57
N SER B 73 -14.95 -12.09 -2.92
CA SER B 73 -16.02 -13.05 -3.05
C SER B 73 -16.71 -12.83 -4.39
N ILE B 74 -16.91 -13.90 -5.15
CA ILE B 74 -17.62 -13.84 -6.42
C ILE B 74 -19.01 -14.41 -6.18
N SER B 75 -20.01 -13.55 -6.20
CA SER B 75 -21.40 -13.97 -6.08
C SER B 75 -21.88 -14.39 -7.48
N GLY B 76 -21.52 -15.61 -7.86
CA GLY B 76 -21.88 -16.17 -9.15
C GLY B 76 -20.78 -17.09 -9.64
N ASP B 77 -20.66 -17.18 -10.96
CA ASP B 77 -19.73 -18.07 -11.63
C ASP B 77 -18.57 -17.29 -12.25
N LEU B 78 -17.53 -18.03 -12.60
CA LEU B 78 -16.37 -17.48 -13.31
C LEU B 78 -16.08 -18.41 -14.49
N HIS B 79 -16.17 -17.86 -15.70
CA HIS B 79 -15.78 -18.54 -16.94
C HIS B 79 -14.50 -17.92 -17.47
N ILE B 80 -13.59 -18.76 -17.97
CA ILE B 80 -12.37 -18.31 -18.63
C ILE B 80 -12.21 -19.16 -19.90
N LEU B 81 -12.64 -18.62 -21.04
CA LEU B 81 -12.70 -19.33 -22.31
C LEU B 81 -11.60 -18.89 -23.26
N PRO B 82 -11.36 -19.67 -24.32
CA PRO B 82 -10.30 -19.29 -25.29
C PRO B 82 -10.48 -17.92 -25.90
N VAL B 83 -11.73 -17.49 -26.13
CA VAL B 83 -11.96 -16.19 -26.75
C VAL B 83 -11.25 -15.07 -25.97
N ALA B 84 -11.26 -15.15 -24.64
CA ALA B 84 -10.64 -14.09 -23.84
C ALA B 84 -9.20 -13.83 -24.26
N PHE B 85 -8.51 -14.85 -24.74
CA PHE B 85 -7.12 -14.65 -25.11
C PHE B 85 -6.91 -14.30 -26.58
N ARG B 86 -7.90 -14.49 -27.44
CA ARG B 86 -7.72 -14.17 -28.85
C ARG B 86 -8.34 -12.84 -29.25
N GLY B 87 -9.34 -12.37 -28.53
CA GLY B 87 -10.10 -11.22 -28.96
C GLY B 87 -11.43 -11.63 -29.58
N ASP B 88 -12.35 -10.66 -29.61
CA ASP B 88 -13.67 -10.86 -30.21
C ASP B 88 -14.09 -9.53 -30.79
N SER B 89 -13.91 -9.37 -32.11
CA SER B 89 -14.29 -8.12 -32.75
C SER B 89 -15.77 -7.82 -32.59
N PHE B 90 -16.61 -8.86 -32.51
CA PHE B 90 -18.05 -8.64 -32.44
C PHE B 90 -18.44 -7.88 -31.17
N THR B 91 -17.82 -8.21 -30.04
CA THR B 91 -18.11 -7.55 -28.78
C THR B 91 -17.08 -6.49 -28.43
N HIS B 92 -16.22 -6.13 -29.38
CA HIS B 92 -15.23 -5.08 -29.18
C HIS B 92 -14.33 -5.42 -27.99
N THR B 93 -13.75 -6.61 -28.01
CA THR B 93 -12.94 -7.10 -26.90
C THR B 93 -11.51 -7.37 -27.34
N PRO B 94 -10.53 -6.60 -26.88
CA PRO B 94 -9.13 -6.91 -27.18
C PRO B 94 -8.73 -8.23 -26.55
N PRO B 95 -7.64 -8.83 -27.02
CA PRO B 95 -7.11 -10.02 -26.35
C PRO B 95 -6.63 -9.68 -24.94
N LEU B 96 -6.83 -10.63 -24.02
CA LEU B 96 -6.50 -10.42 -22.61
C LEU B 96 -4.99 -10.56 -22.39
N ASP B 97 -4.39 -9.53 -21.82
CA ASP B 97 -2.99 -9.60 -21.38
C ASP B 97 -2.89 -10.58 -20.22
N PRO B 98 -2.15 -11.69 -20.34
CA PRO B 98 -2.16 -12.70 -19.27
C PRO B 98 -1.73 -12.17 -17.90
N GLN B 99 -0.83 -11.18 -17.86
CA GLN B 99 -0.45 -10.59 -16.58
C GLN B 99 -1.68 -10.09 -15.83
N GLU B 100 -2.64 -9.52 -16.54
CA GLU B 100 -3.86 -9.03 -15.92
C GLU B 100 -4.57 -10.11 -15.11
N LEU B 101 -4.37 -11.39 -15.44
CA LEU B 101 -5.04 -12.45 -14.68
C LEU B 101 -4.67 -12.41 -13.20
N ASP B 102 -3.47 -11.91 -12.87
CA ASP B 102 -3.09 -11.88 -11.46
C ASP B 102 -4.03 -11.03 -10.62
N ILE B 103 -4.84 -10.18 -11.26
CA ILE B 103 -5.87 -9.44 -10.51
C ILE B 103 -6.73 -10.37 -9.68
N LEU B 104 -6.92 -11.62 -10.12
CA LEU B 104 -7.82 -12.53 -9.42
C LEU B 104 -7.21 -13.10 -8.15
N LYS B 105 -5.98 -12.72 -7.80
CA LYS B 105 -5.35 -13.26 -6.60
C LYS B 105 -6.12 -12.90 -5.33
N THR B 106 -6.92 -11.84 -5.35
CA THR B 106 -7.70 -11.49 -4.16
C THR B 106 -8.96 -12.33 -3.99
N VAL B 107 -9.29 -13.18 -4.96
CA VAL B 107 -10.52 -13.96 -4.86
C VAL B 107 -10.30 -15.11 -3.89
N LYS B 108 -11.14 -15.18 -2.87
CA LYS B 108 -11.10 -16.26 -1.89
C LYS B 108 -12.30 -17.20 -2.00
N GLU B 109 -13.41 -16.69 -2.51
CA GLU B 109 -14.68 -17.42 -2.53
C GLU B 109 -15.36 -17.24 -3.88
N ILE B 110 -15.93 -18.34 -4.39
CA ILE B 110 -16.83 -18.32 -5.54
C ILE B 110 -18.08 -19.07 -5.13
N THR B 111 -19.23 -18.38 -5.13
CA THR B 111 -20.48 -19.03 -4.73
C THR B 111 -20.97 -20.04 -5.75
N GLY B 112 -20.74 -19.79 -7.03
CA GLY B 112 -21.16 -20.72 -8.06
C GLY B 112 -20.08 -21.71 -8.45
N PHE B 113 -19.78 -21.81 -9.75
CA PHE B 113 -18.73 -22.69 -10.22
C PHE B 113 -17.57 -21.90 -10.82
N LEU B 114 -16.48 -22.62 -11.07
CA LEU B 114 -15.28 -22.08 -11.72
C LEU B 114 -14.98 -22.94 -12.95
N LEU B 115 -14.97 -22.32 -14.12
CA LEU B 115 -14.83 -23.00 -15.40
C LEU B 115 -13.62 -22.39 -16.12
N ILE B 116 -12.59 -23.19 -16.32
CA ILE B 116 -11.36 -22.72 -16.97
C ILE B 116 -11.10 -23.63 -18.18
N GLN B 117 -11.36 -23.09 -19.38
CA GLN B 117 -11.16 -23.78 -20.63
C GLN B 117 -9.94 -23.28 -21.41
N ALA B 118 -9.34 -22.18 -20.98
CA ALA B 118 -8.20 -21.61 -21.66
C ALA B 118 -7.33 -20.89 -20.64
N TRP B 119 -6.01 -21.00 -20.82
CA TRP B 119 -5.04 -20.44 -19.89
C TRP B 119 -3.76 -20.21 -20.65
N PRO B 120 -3.06 -19.08 -20.44
CA PRO B 120 -1.78 -18.86 -21.12
C PRO B 120 -0.91 -20.11 -21.10
N GLU B 121 -0.21 -20.38 -22.21
CA GLU B 121 0.59 -21.59 -22.32
C GLU B 121 1.94 -21.47 -21.62
N ASN B 122 2.36 -20.26 -21.27
CA ASN B 122 3.64 -20.09 -20.60
C ASN B 122 3.54 -20.09 -19.07
N ARG B 123 2.34 -20.14 -18.50
CA ARG B 123 2.20 -20.34 -17.05
C ARG B 123 1.87 -21.80 -16.77
N THR B 124 2.69 -22.41 -15.90
CA THR B 124 2.62 -23.82 -15.55
C THR B 124 1.50 -24.16 -14.57
N ASP B 125 0.79 -23.16 -14.02
CA ASP B 125 -0.25 -23.44 -13.04
C ASP B 125 -1.22 -22.27 -12.97
N LEU B 126 -2.22 -22.40 -12.11
CA LEU B 126 -3.29 -21.41 -11.94
C LEU B 126 -3.02 -20.51 -10.74
N HIS B 127 -1.82 -19.93 -10.64
CA HIS B 127 -1.50 -19.14 -9.47
C HIS B 127 -2.29 -17.85 -9.38
N ALA B 128 -2.99 -17.45 -10.44
CA ALA B 128 -3.96 -16.38 -10.29
C ALA B 128 -5.00 -16.73 -9.23
N PHE B 129 -5.30 -18.02 -9.08
CA PHE B 129 -6.29 -18.48 -8.10
C PHE B 129 -5.65 -19.11 -6.85
N GLU B 130 -4.38 -18.79 -6.57
CA GLU B 130 -3.67 -19.41 -5.43
C GLU B 130 -4.28 -19.04 -4.07
N ASN B 131 -5.13 -18.03 -4.00
CA ASN B 131 -5.77 -17.65 -2.75
C ASN B 131 -7.21 -18.10 -2.64
N LEU B 132 -7.71 -18.85 -3.63
CA LEU B 132 -9.09 -19.31 -3.61
C LEU B 132 -9.25 -20.41 -2.57
N GLU B 133 -10.20 -20.25 -1.66
CA GLU B 133 -10.38 -21.20 -0.55
C GLU B 133 -11.58 -22.11 -0.71
N ILE B 134 -12.69 -21.60 -1.23
CA ILE B 134 -13.92 -22.35 -1.28
C ILE B 134 -14.61 -22.11 -2.63
N ILE B 135 -15.13 -23.19 -3.22
CA ILE B 135 -16.08 -23.12 -4.31
C ILE B 135 -17.38 -23.72 -3.80
N ARG B 136 -18.42 -22.90 -3.65
CA ARG B 136 -19.63 -23.38 -3.02
C ARG B 136 -20.47 -24.24 -3.95
N GLY B 137 -20.46 -23.96 -5.25
CA GLY B 137 -21.24 -24.73 -6.19
C GLY B 137 -22.74 -24.58 -6.08
N ARG B 138 -23.23 -23.40 -5.70
CA ARG B 138 -24.68 -23.19 -5.67
C ARG B 138 -25.27 -23.25 -7.07
N THR B 139 -24.50 -22.81 -8.07
CA THR B 139 -24.82 -22.99 -9.47
C THR B 139 -23.74 -23.87 -10.09
N LYS B 140 -24.14 -24.67 -11.08
CA LYS B 140 -23.25 -25.67 -11.64
C LYS B 140 -23.32 -25.67 -13.15
N GLN B 141 -22.17 -25.86 -13.78
CA GLN B 141 -22.11 -26.12 -15.21
C GLN B 141 -22.87 -27.39 -15.55
N HIS B 142 -23.88 -27.27 -16.41
CA HIS B 142 -24.75 -28.40 -16.77
C HIS B 142 -25.43 -28.99 -15.56
N GLY B 143 -25.60 -28.21 -14.49
CA GLY B 143 -26.11 -28.77 -13.25
C GLY B 143 -25.28 -29.92 -12.72
N GLN B 144 -23.97 -29.91 -12.98
CA GLN B 144 -23.10 -30.98 -12.52
C GLN B 144 -21.80 -30.47 -11.90
N PHE B 145 -21.05 -29.66 -12.64
CA PHE B 145 -19.68 -29.37 -12.28
C PHE B 145 -19.55 -28.02 -11.58
N SER B 146 -18.91 -28.02 -10.41
CA SER B 146 -18.55 -26.80 -9.73
C SER B 146 -17.11 -26.37 -10.00
N LEU B 147 -16.25 -27.27 -10.47
CA LEU B 147 -14.91 -26.91 -10.89
C LEU B 147 -14.58 -27.69 -12.15
N ALA B 148 -14.13 -26.99 -13.19
CA ALA B 148 -13.82 -27.61 -14.47
C ALA B 148 -12.52 -26.99 -14.99
N VAL B 149 -11.51 -27.82 -15.24
CA VAL B 149 -10.24 -27.37 -15.79
C VAL B 149 -9.93 -28.27 -16.98
N VAL B 150 -10.05 -27.72 -18.20
CA VAL B 150 -9.99 -28.53 -19.41
C VAL B 150 -9.08 -27.89 -20.45
N SER B 151 -8.18 -28.71 -21.02
CA SER B 151 -7.46 -28.38 -22.27
C SER B 151 -6.40 -27.31 -22.05
N LEU B 152 -5.74 -27.34 -20.90
CA LEU B 152 -4.68 -26.40 -20.58
C LEU B 152 -3.31 -27.05 -20.70
N ASN B 153 -2.29 -26.22 -20.78
CA ASN B 153 -0.91 -26.66 -20.89
C ASN B 153 -0.20 -26.70 -19.54
N ILE B 154 -0.94 -26.56 -18.43
CA ILE B 154 -0.35 -26.40 -17.10
C ILE B 154 0.25 -27.72 -16.63
N THR B 155 1.34 -27.62 -15.87
CA THR B 155 1.95 -28.81 -15.28
C THR B 155 1.40 -29.14 -13.88
N SER B 156 0.83 -28.17 -13.18
CA SER B 156 0.26 -28.39 -11.85
C SER B 156 -0.88 -27.40 -11.63
N LEU B 157 -1.87 -27.82 -10.84
CA LEU B 157 -3.05 -26.98 -10.64
C LEU B 157 -2.74 -25.73 -9.82
N GLY B 158 -1.95 -25.87 -8.75
CA GLY B 158 -1.56 -24.71 -7.98
C GLY B 158 -2.66 -24.01 -7.21
N LEU B 159 -3.80 -24.65 -7.00
CA LEU B 159 -4.87 -24.09 -6.16
C LEU B 159 -4.49 -24.30 -4.69
N ARG B 160 -3.50 -23.51 -4.26
CA ARG B 160 -2.80 -23.80 -3.01
C ARG B 160 -3.69 -23.66 -1.78
N SER B 161 -4.65 -22.75 -1.84
CA SER B 161 -5.49 -22.42 -0.69
C SER B 161 -6.86 -23.06 -0.75
N LEU B 162 -7.12 -23.89 -1.76
CA LEU B 162 -8.44 -24.46 -1.93
C LEU B 162 -8.67 -25.55 -0.88
N LYS B 163 -9.71 -25.37 -0.07
CA LYS B 163 -9.99 -26.29 1.02
C LYS B 163 -11.41 -26.81 1.01
N GLU B 164 -12.34 -26.20 0.28
CA GLU B 164 -13.72 -26.65 0.28
C GLU B 164 -14.35 -26.49 -1.09
N ILE B 165 -14.97 -27.56 -1.57
CA ILE B 165 -15.89 -27.51 -2.69
C ILE B 165 -17.22 -28.01 -2.14
N SER B 166 -18.09 -27.09 -1.76
CA SER B 166 -19.29 -27.46 -1.01
C SER B 166 -20.13 -28.46 -1.78
N ASP B 167 -20.52 -28.11 -3.01
CA ASP B 167 -21.37 -28.97 -3.81
C ASP B 167 -20.83 -29.01 -5.24
N GLY B 168 -21.31 -29.98 -6.00
CA GLY B 168 -20.97 -30.08 -7.41
C GLY B 168 -19.78 -30.98 -7.67
N ASP B 169 -19.71 -31.47 -8.91
CA ASP B 169 -18.66 -32.37 -9.35
C ASP B 169 -17.45 -31.61 -9.88
N VAL B 170 -16.35 -32.34 -10.03
CA VAL B 170 -15.08 -31.78 -10.44
C VAL B 170 -14.59 -32.55 -11.66
N ILE B 171 -14.09 -31.82 -12.67
CA ILE B 171 -13.58 -32.43 -13.88
C ILE B 171 -12.22 -31.81 -14.19
N ILE B 172 -11.19 -32.65 -14.27
CA ILE B 172 -9.86 -32.25 -14.74
C ILE B 172 -9.49 -33.20 -15.88
N SER B 173 -9.46 -32.68 -17.11
CA SER B 173 -9.30 -33.55 -18.27
C SER B 173 -8.70 -32.78 -19.43
N GLY B 174 -7.89 -33.47 -20.22
CA GLY B 174 -7.26 -32.87 -21.39
C GLY B 174 -6.03 -32.04 -21.12
N ASN B 175 -5.56 -32.01 -19.86
CA ASN B 175 -4.37 -31.25 -19.49
C ASN B 175 -3.19 -32.17 -19.67
N LYS B 176 -2.64 -32.19 -20.88
CA LYS B 176 -1.67 -33.21 -21.26
C LYS B 176 -0.44 -33.19 -20.37
N ASN B 177 -0.05 -32.01 -19.86
CA ASN B 177 1.16 -31.86 -19.08
C ASN B 177 0.90 -31.86 -17.57
N LEU B 178 -0.34 -32.12 -17.14
CA LEU B 178 -0.77 -31.87 -15.76
C LEU B 178 -0.52 -33.09 -14.88
N CYS B 179 0.33 -32.92 -13.86
CA CYS B 179 0.58 -33.95 -12.88
C CYS B 179 -0.10 -33.60 -11.55
N TYR B 180 0.13 -34.44 -10.54
CA TYR B 180 -0.32 -34.20 -9.17
C TYR B 180 -1.84 -34.18 -9.00
N ALA B 181 -2.59 -34.09 -10.10
CA ALA B 181 -4.04 -34.02 -9.97
C ALA B 181 -4.61 -35.24 -9.24
N ASN B 182 -3.98 -36.40 -9.39
CA ASN B 182 -4.53 -37.62 -8.82
C ASN B 182 -4.17 -37.80 -7.34
N THR B 183 -3.15 -37.09 -6.84
CA THR B 183 -2.74 -37.27 -5.46
C THR B 183 -3.75 -36.69 -4.47
N ILE B 184 -4.69 -35.87 -4.93
CA ILE B 184 -5.60 -35.17 -4.03
C ILE B 184 -6.65 -36.14 -3.52
N ASN B 185 -6.92 -36.10 -2.22
CA ASN B 185 -8.09 -36.77 -1.68
C ASN B 185 -9.20 -35.74 -1.59
N TRP B 186 -10.10 -35.76 -2.57
CA TRP B 186 -11.10 -34.71 -2.70
C TRP B 186 -12.15 -34.79 -1.60
N LYS B 187 -12.26 -35.94 -0.93
CA LYS B 187 -13.13 -36.08 0.24
C LYS B 187 -12.87 -34.99 1.28
N LYS B 188 -11.59 -34.63 1.48
CA LYS B 188 -11.27 -33.58 2.45
C LYS B 188 -11.79 -32.22 2.00
N LEU B 189 -12.09 -32.06 0.71
CA LEU B 189 -12.68 -30.83 0.20
C LEU B 189 -14.19 -30.91 0.04
N PHE B 190 -14.72 -32.08 -0.28
CA PHE B 190 -16.15 -32.18 -0.52
C PHE B 190 -16.94 -32.01 0.78
N GLY B 191 -18.21 -31.60 0.63
CA GLY B 191 -19.10 -31.45 1.77
C GLY B 191 -20.51 -31.93 1.52
N THR B 192 -20.78 -32.52 0.35
CA THR B 192 -22.09 -33.05 0.01
C THR B 192 -21.96 -34.48 -0.51
N SER B 193 -22.87 -35.35 -0.08
CA SER B 193 -22.86 -36.73 -0.55
C SER B 193 -23.20 -36.78 -2.03
N GLY B 194 -22.43 -37.56 -2.78
CA GLY B 194 -22.60 -37.73 -4.21
C GLY B 194 -21.57 -37.02 -5.06
N GLN B 195 -20.86 -36.04 -4.49
CA GLN B 195 -19.84 -35.35 -5.24
C GLN B 195 -18.80 -36.34 -5.73
N LYS B 196 -18.58 -36.35 -7.03
CA LYS B 196 -17.59 -37.24 -7.63
C LYS B 196 -16.55 -36.43 -8.39
N THR B 197 -15.55 -37.12 -8.90
CA THR B 197 -14.52 -36.50 -9.73
C THR B 197 -14.35 -37.29 -11.01
N LYS B 198 -14.16 -36.56 -12.11
CA LYS B 198 -13.70 -37.12 -13.38
C LYS B 198 -12.35 -36.48 -13.68
N ILE B 199 -11.28 -37.23 -13.49
CA ILE B 199 -9.92 -36.78 -13.80
C ILE B 199 -9.34 -37.76 -14.79
N ILE B 200 -9.21 -37.32 -16.05
CA ILE B 200 -8.91 -38.21 -17.16
C ILE B 200 -8.01 -37.48 -18.15
N SER B 201 -7.29 -38.27 -18.93
CA SER B 201 -6.51 -37.73 -20.06
C SER B 201 -5.67 -36.54 -19.62
N ASN B 202 -5.00 -36.68 -18.49
CA ASN B 202 -3.94 -35.77 -18.11
C ASN B 202 -2.61 -36.50 -18.35
N ARG B 203 -1.52 -35.98 -17.80
CA ARG B 203 -0.23 -36.63 -18.00
C ARG B 203 -0.22 -38.01 -17.35
N GLY B 204 0.45 -38.95 -18.00
CA GLY B 204 0.45 -40.33 -17.57
C GLY B 204 0.77 -40.52 -16.10
N GLU B 205 0.09 -41.46 -15.45
CA GLU B 205 0.40 -41.79 -14.06
C GLU B 205 1.89 -42.10 -13.94
N ASN B 206 2.33 -43.26 -14.48
CA ASN B 206 3.73 -43.65 -14.35
C ASN B 206 4.69 -42.57 -14.84
N SER B 207 4.26 -41.74 -15.80
CA SER B 207 5.17 -40.75 -16.37
C SER B 207 5.54 -39.66 -15.36
N CYS B 208 4.53 -39.16 -14.62
CA CYS B 208 4.81 -38.18 -13.58
C CYS B 208 5.82 -38.71 -12.58
N LYS B 209 5.59 -39.93 -12.06
CA LYS B 209 6.58 -40.53 -11.16
C LYS B 209 7.95 -40.61 -11.82
N ALA B 210 7.99 -41.06 -13.08
CA ALA B 210 9.27 -41.26 -13.76
C ALA B 210 10.04 -39.96 -13.90
N THR B 211 9.37 -38.82 -14.00
CA THR B 211 10.05 -37.54 -14.11
C THR B 211 10.23 -36.84 -12.76
N GLY B 212 9.94 -37.52 -11.66
CA GLY B 212 10.10 -36.91 -10.36
C GLY B 212 9.05 -35.91 -9.97
N GLN B 213 7.95 -35.82 -10.70
CA GLN B 213 6.89 -34.85 -10.42
C GLN B 213 5.87 -35.49 -9.48
N VAL B 214 6.22 -35.49 -8.18
CA VAL B 214 5.41 -36.09 -7.14
C VAL B 214 5.34 -35.13 -5.95
N CYS B 215 4.46 -35.45 -5.01
CA CYS B 215 4.29 -34.57 -3.86
C CYS B 215 5.57 -34.51 -3.03
N HIS B 216 5.91 -33.30 -2.57
CA HIS B 216 7.07 -33.13 -1.71
C HIS B 216 7.00 -34.02 -0.47
N ALA B 217 8.18 -34.41 0.02
CA ALA B 217 8.27 -35.27 1.20
C ALA B 217 7.60 -34.63 2.41
N LEU B 218 7.60 -33.30 2.50
CA LEU B 218 7.05 -32.61 3.65
C LEU B 218 5.52 -32.59 3.68
N CYS B 219 4.86 -33.13 2.67
CA CYS B 219 3.40 -33.21 2.65
C CYS B 219 2.93 -34.45 3.41
N SER B 220 1.68 -34.40 3.88
CA SER B 220 0.98 -35.57 4.35
C SER B 220 0.49 -36.37 3.15
N PRO B 221 -0.08 -37.58 3.39
CA PRO B 221 -0.58 -38.40 2.27
C PRO B 221 -1.88 -37.87 1.67
N GLU B 222 -2.30 -36.67 2.06
CA GLU B 222 -3.53 -36.09 1.53
C GLU B 222 -3.38 -35.53 0.13
N GLY B 223 -2.19 -35.51 -0.45
CA GLY B 223 -1.98 -35.03 -1.81
C GLY B 223 -1.41 -33.62 -1.85
N CYS B 224 -1.28 -33.11 -3.07
CA CYS B 224 -0.71 -31.79 -3.28
C CYS B 224 -1.22 -31.17 -4.58
N TRP B 225 -1.02 -29.86 -4.70
CA TRP B 225 -1.35 -29.05 -5.86
C TRP B 225 -0.14 -28.78 -6.73
N GLY B 226 1.04 -29.21 -6.30
CA GLY B 226 2.28 -28.93 -6.97
C GLY B 226 3.41 -29.66 -6.26
N PRO B 227 4.65 -29.44 -6.71
CA PRO B 227 5.78 -30.14 -6.10
C PRO B 227 6.41 -29.42 -4.91
N GLU B 228 5.99 -28.18 -4.61
CA GLU B 228 6.56 -27.39 -3.53
C GLU B 228 6.00 -27.82 -2.15
N PRO B 229 6.79 -27.68 -1.08
CA PRO B 229 6.22 -27.88 0.27
C PRO B 229 5.08 -26.92 0.55
N ARG B 230 5.00 -25.86 -0.23
CA ARG B 230 3.94 -24.85 -0.21
C ARG B 230 2.64 -25.34 -0.82
N ASP B 231 2.66 -26.45 -1.56
CA ASP B 231 1.49 -26.90 -2.31
C ASP B 231 0.77 -28.05 -1.64
N CYS B 232 1.16 -28.42 -0.43
CA CYS B 232 0.55 -29.57 0.22
C CYS B 232 -0.92 -29.29 0.51
N VAL B 233 -1.71 -30.37 0.53
CA VAL B 233 -3.04 -30.27 1.12
C VAL B 233 -2.92 -30.17 2.63
N SER B 234 -2.02 -30.93 3.24
CA SER B 234 -1.74 -30.83 4.66
C SER B 234 -0.33 -31.31 4.95
N CYS B 235 0.24 -30.80 6.04
CA CYS B 235 1.66 -31.01 6.31
C CYS B 235 1.90 -32.37 6.95
N ARG B 236 3.04 -32.96 6.61
CA ARG B 236 3.47 -34.16 7.31
C ARG B 236 3.72 -33.88 8.78
N ASN B 237 4.43 -32.79 9.10
CA ASN B 237 4.71 -32.46 10.50
C ASN B 237 3.96 -31.20 10.92
N VAL B 238 4.51 -30.03 10.58
CA VAL B 238 3.92 -28.75 10.96
C VAL B 238 4.16 -27.76 9.81
N SER B 239 3.45 -26.64 9.88
CA SER B 239 3.55 -25.61 8.86
C SER B 239 4.04 -24.29 9.48
N ARG B 240 4.78 -23.54 8.68
CA ARG B 240 5.18 -22.16 8.99
C ARG B 240 4.63 -21.29 7.85
N GLY B 241 3.60 -20.50 8.15
CA GLY B 241 2.89 -19.76 7.15
C GLY B 241 2.26 -20.67 6.12
N ARG B 242 2.63 -20.52 4.86
CA ARG B 242 2.12 -21.43 3.83
C ARG B 242 2.95 -22.69 3.67
N GLU B 243 4.18 -22.72 4.21
CA GLU B 243 5.09 -23.81 3.88
C GLU B 243 4.99 -24.94 4.88
N CYS B 244 5.03 -26.17 4.38
CA CYS B 244 5.17 -27.32 5.27
C CYS B 244 6.66 -27.50 5.61
N VAL B 245 6.97 -27.59 6.91
CA VAL B 245 8.35 -27.63 7.36
C VAL B 245 8.54 -28.83 8.29
N ASP B 246 9.81 -29.13 8.58
CA ASP B 246 10.14 -30.29 9.40
C ASP B 246 9.83 -30.04 10.88
N LYS B 247 10.04 -28.82 11.36
CA LYS B 247 9.91 -28.61 12.79
C LYS B 247 9.90 -27.13 13.09
N CYS B 248 9.12 -26.75 14.10
CA CYS B 248 9.15 -25.37 14.56
C CYS B 248 10.46 -25.09 15.29
N ASN B 249 10.68 -23.82 15.58
CA ASN B 249 11.90 -23.40 16.33
C ASN B 249 11.57 -23.45 17.82
N LEU B 250 11.40 -24.65 18.38
CA LEU B 250 11.02 -24.82 19.78
C LEU B 250 12.23 -24.64 20.71
N LEU B 251 13.30 -25.40 20.47
CA LEU B 251 14.48 -25.38 21.30
C LEU B 251 15.65 -24.60 20.69
N GLU B 252 15.64 -24.39 19.37
CA GLU B 252 16.67 -23.62 18.69
C GLU B 252 16.03 -22.90 17.52
N GLY B 253 16.84 -22.13 16.81
CA GLY B 253 16.26 -21.32 15.76
C GLY B 253 15.85 -19.95 16.25
N GLU B 254 15.91 -18.97 15.35
CA GLU B 254 15.47 -17.62 15.67
C GLU B 254 14.60 -17.15 14.52
N PRO B 255 13.42 -16.58 14.78
CA PRO B 255 12.85 -16.35 16.12
C PRO B 255 12.33 -17.64 16.72
N ARG B 256 12.23 -17.70 18.04
CA ARG B 256 11.65 -18.85 18.71
C ARG B 256 10.16 -18.94 18.42
N GLU B 257 9.63 -20.16 18.54
CA GLU B 257 8.24 -20.41 18.21
C GLU B 257 7.63 -21.38 19.20
N PHE B 258 6.30 -21.41 19.25
CA PHE B 258 5.54 -22.52 19.80
C PHE B 258 4.58 -23.08 18.75
N VAL B 259 4.04 -24.26 19.01
CA VAL B 259 3.14 -24.92 18.08
C VAL B 259 1.69 -24.68 18.51
N GLU B 260 0.88 -24.21 17.58
CA GLU B 260 -0.55 -23.98 17.79
C GLU B 260 -1.29 -24.67 16.65
N ASN B 261 -2.01 -25.76 16.96
CA ASN B 261 -2.70 -26.55 15.94
C ASN B 261 -1.75 -26.89 14.78
N SER B 262 -0.65 -27.55 15.13
CA SER B 262 0.35 -27.97 14.16
C SER B 262 0.89 -26.81 13.31
N GLU B 263 0.72 -25.57 13.76
CA GLU B 263 1.25 -24.40 13.06
C GLU B 263 2.36 -23.76 13.89
N CYS B 264 3.43 -23.29 13.22
CA CYS B 264 4.52 -22.63 13.92
C CYS B 264 4.18 -21.16 14.15
N ILE B 265 4.11 -20.73 15.41
CA ILE B 265 3.74 -19.37 15.77
C ILE B 265 4.92 -18.73 16.50
N GLN B 266 5.27 -17.51 16.13
CA GLN B 266 6.41 -16.88 16.76
C GLN B 266 6.10 -16.50 18.21
N CYS B 267 7.08 -16.73 19.09
CA CYS B 267 6.99 -16.19 20.44
C CYS B 267 7.04 -14.66 20.40
N HIS B 268 6.44 -14.05 21.42
CA HIS B 268 6.46 -12.61 21.51
C HIS B 268 7.91 -12.13 21.62
N PRO B 269 8.25 -10.99 20.98
CA PRO B 269 9.66 -10.54 21.01
C PRO B 269 10.15 -10.20 22.41
N GLU B 270 9.27 -9.94 23.37
CA GLU B 270 9.74 -9.69 24.73
C GLU B 270 10.07 -10.95 25.50
N CYS B 271 9.80 -12.14 24.93
CA CYS B 271 10.21 -13.40 25.55
C CYS B 271 11.67 -13.67 25.22
N LEU B 272 12.51 -13.74 26.24
CA LEU B 272 13.92 -14.05 26.06
C LEU B 272 14.10 -15.51 25.65
N PRO B 273 14.74 -15.79 24.51
CA PRO B 273 14.99 -17.20 24.14
C PRO B 273 15.71 -17.97 25.24
N GLN B 274 15.26 -19.20 25.45
CA GLN B 274 15.78 -20.09 26.47
C GLN B 274 16.69 -21.13 25.84
N ALA B 275 17.91 -21.26 26.34
CA ALA B 275 18.84 -22.26 25.82
C ALA B 275 18.41 -23.66 26.25
N MET B 276 18.09 -24.51 25.26
CA MET B 276 17.79 -25.93 25.46
C MET B 276 16.50 -26.15 26.28
N ASN B 277 15.55 -25.22 26.18
CA ASN B 277 14.21 -25.37 26.74
C ASN B 277 13.30 -24.40 26.00
N ILE B 278 11.99 -24.65 26.10
CA ILE B 278 11.06 -23.83 25.33
C ILE B 278 11.12 -22.38 25.81
N THR B 279 10.70 -21.47 24.92
CA THR B 279 10.76 -20.04 25.14
C THR B 279 9.41 -19.42 25.51
N CYS B 280 8.31 -19.92 24.96
CA CYS B 280 7.02 -19.38 25.29
C CYS B 280 6.01 -20.52 25.25
N THR B 281 4.81 -20.25 25.77
CA THR B 281 3.73 -21.23 25.83
C THR B 281 2.53 -20.79 25.01
N GLY B 282 2.66 -19.74 24.20
CA GLY B 282 1.53 -19.17 23.53
C GLY B 282 1.88 -17.75 23.12
N ARG B 283 0.85 -17.05 22.65
CA ARG B 283 1.10 -15.72 22.13
C ARG B 283 1.20 -14.71 23.27
N GLY B 284 1.86 -13.60 22.98
CA GLY B 284 1.73 -12.41 23.76
C GLY B 284 2.71 -12.34 24.92
N PRO B 285 2.74 -11.21 25.61
CA PRO B 285 3.80 -10.97 26.58
C PRO B 285 3.60 -11.68 27.92
N ASP B 286 2.47 -12.34 28.13
CA ASP B 286 2.18 -13.05 29.37
C ASP B 286 2.52 -14.54 29.29
N ASN B 287 3.07 -15.01 28.18
CA ASN B 287 3.32 -16.43 27.95
C ASN B 287 4.80 -16.72 27.78
N CYS B 288 5.66 -15.82 28.24
CA CYS B 288 7.10 -16.03 28.19
C CYS B 288 7.54 -16.93 29.34
N ILE B 289 8.66 -17.62 29.15
CA ILE B 289 9.27 -18.28 30.29
C ILE B 289 10.12 -17.28 31.07
N GLN B 290 10.68 -16.29 30.39
CA GLN B 290 11.59 -15.31 30.97
C GLN B 290 11.51 -14.06 30.09
N CYS B 291 11.51 -12.89 30.73
CA CYS B 291 11.37 -11.63 30.00
C CYS B 291 12.71 -11.18 29.42
N ALA B 292 12.65 -10.56 28.23
CA ALA B 292 13.88 -10.09 27.59
C ALA B 292 14.38 -8.77 28.17
N HIS B 293 13.48 -7.91 28.64
CA HIS B 293 13.93 -6.63 29.15
C HIS B 293 13.35 -6.35 30.52
N TYR B 294 12.08 -5.98 30.60
CA TYR B 294 11.47 -5.66 31.89
C TYR B 294 10.22 -6.50 32.06
N ILE B 295 9.83 -6.69 33.33
CA ILE B 295 8.57 -7.36 33.66
C ILE B 295 7.71 -6.39 34.46
N ASP B 296 6.45 -6.28 34.08
CA ASP B 296 5.45 -5.46 34.77
C ASP B 296 4.27 -6.38 35.08
N GLY B 297 4.13 -6.75 36.35
CA GLY B 297 3.20 -7.78 36.73
C GLY B 297 3.49 -9.07 36.01
N PRO B 298 2.49 -9.63 35.33
CA PRO B 298 2.73 -10.82 34.50
C PRO B 298 3.29 -10.52 33.11
N HIS B 299 3.38 -9.24 32.71
CA HIS B 299 3.67 -8.88 31.32
C HIS B 299 5.17 -8.64 31.10
N CYS B 300 5.75 -9.36 30.14
CA CYS B 300 7.06 -8.96 29.69
C CYS B 300 6.90 -7.72 28.79
N VAL B 301 7.70 -6.69 29.04
CA VAL B 301 7.57 -5.40 28.36
C VAL B 301 8.96 -4.85 28.06
N LYS B 302 9.06 -4.11 26.95
CA LYS B 302 10.33 -3.51 26.57
C LYS B 302 10.73 -2.37 27.52
N THR B 303 9.77 -1.57 27.95
CA THR B 303 10.03 -0.51 28.93
C THR B 303 8.90 -0.46 29.93
N CYS B 304 9.21 -0.01 31.14
CA CYS B 304 8.17 0.07 32.15
C CYS B 304 7.14 1.11 31.74
N PRO B 305 5.89 0.93 32.15
CA PRO B 305 4.83 1.87 31.76
C PRO B 305 5.19 3.30 32.12
N ALA B 306 4.66 4.25 31.35
CA ALA B 306 4.97 5.66 31.60
C ALA B 306 3.85 6.56 31.10
N GLY B 307 2.78 6.70 31.87
CA GLY B 307 1.66 7.51 31.45
C GLY B 307 0.49 6.74 30.90
N VAL B 308 0.35 5.47 31.26
CA VAL B 308 -0.71 4.61 30.75
C VAL B 308 -1.96 4.82 31.60
N MET B 309 -3.12 4.73 30.96
CA MET B 309 -4.39 4.86 31.66
C MET B 309 -4.52 3.76 32.71
N GLY B 310 -5.12 4.12 33.84
CA GLY B 310 -5.29 3.17 34.93
C GLY B 310 -6.66 3.29 35.56
N GLU B 311 -6.93 2.38 36.50
CA GLU B 311 -8.20 2.28 37.21
C GLU B 311 -8.26 3.38 38.27
N ASN B 312 -8.67 4.57 37.85
CA ASN B 312 -8.74 5.76 38.68
C ASN B 312 -8.62 6.99 37.77
N ASN B 313 -8.89 8.18 38.32
CA ASN B 313 -8.65 9.41 37.58
C ASN B 313 -7.15 9.77 37.66
N THR B 314 -6.33 8.80 37.28
CA THR B 314 -4.90 8.85 37.50
C THR B 314 -4.17 8.06 36.41
N LEU B 315 -2.98 8.52 36.07
CA LEU B 315 -2.14 7.87 35.07
C LEU B 315 -1.07 7.04 35.77
N VAL B 316 -0.68 5.95 35.12
CA VAL B 316 0.18 4.94 35.73
C VAL B 316 1.61 5.18 35.26
N TRP B 317 2.48 5.57 36.19
CA TRP B 317 3.90 5.77 35.89
C TRP B 317 4.74 4.78 36.70
N LYS B 318 5.69 4.12 36.06
CA LYS B 318 6.50 3.14 36.75
C LYS B 318 7.99 3.31 36.43
N TYR B 319 8.80 2.59 37.19
CA TYR B 319 10.26 2.60 37.06
C TYR B 319 10.75 1.17 37.27
N ALA B 320 11.95 0.90 36.78
CA ALA B 320 12.54 -0.42 36.93
C ALA B 320 13.56 -0.42 38.07
N ASP B 321 13.54 -1.48 38.87
CA ASP B 321 14.55 -1.64 39.91
C ASP B 321 15.74 -2.39 39.32
N ALA B 322 16.67 -2.80 40.19
CA ALA B 322 17.88 -3.46 39.72
C ALA B 322 17.56 -4.75 38.97
N GLY B 323 16.57 -5.50 39.45
CA GLY B 323 16.18 -6.76 38.83
C GLY B 323 15.17 -6.60 37.71
N HIS B 324 15.14 -5.44 37.07
CA HIS B 324 14.31 -5.21 35.89
C HIS B 324 12.82 -5.44 36.16
N VAL B 325 12.35 -5.21 37.39
CA VAL B 325 10.93 -5.26 37.72
C VAL B 325 10.37 -3.86 37.82
N CYS B 326 9.17 -3.66 37.26
CA CYS B 326 8.53 -2.36 37.24
C CYS B 326 7.72 -2.16 38.51
N HIS B 327 7.83 -0.97 39.08
CA HIS B 327 7.11 -0.58 40.29
C HIS B 327 6.50 0.80 40.10
N LEU B 328 5.35 0.98 40.75
CA LEU B 328 4.65 2.26 40.74
C LEU B 328 5.54 3.38 41.29
N CYS B 329 5.62 4.48 40.53
CA CYS B 329 6.24 5.71 40.96
C CYS B 329 5.47 6.30 42.14
N HIS B 330 6.11 7.20 42.87
CA HIS B 330 5.41 7.91 43.93
C HIS B 330 4.22 8.68 43.34
N PRO B 331 3.09 8.74 44.04
CA PRO B 331 1.92 9.43 43.48
C PRO B 331 2.20 10.86 43.04
N ASN B 332 3.09 11.56 43.75
CA ASN B 332 3.38 12.95 43.41
C ASN B 332 4.21 13.09 42.13
N CYS B 333 4.73 12.00 41.58
CA CYS B 333 5.59 12.06 40.40
C CYS B 333 4.75 11.97 39.13
N THR B 334 4.06 13.07 38.82
CA THR B 334 3.03 13.05 37.78
C THR B 334 3.60 13.00 36.37
N TYR B 335 4.92 13.02 36.19
CA TYR B 335 5.52 12.87 34.87
C TYR B 335 6.57 11.78 34.84
N GLY B 336 6.36 10.72 35.63
CA GLY B 336 7.27 9.60 35.69
C GLY B 336 8.42 9.81 36.67
N CYS B 337 9.20 8.75 36.84
CA CYS B 337 10.23 8.75 37.86
C CYS B 337 11.26 7.69 37.52
N THR B 338 12.43 7.78 38.17
CA THR B 338 13.50 6.81 38.00
C THR B 338 13.80 6.00 39.27
N GLY B 339 13.36 6.48 40.42
CA GLY B 339 13.52 5.78 41.67
C GLY B 339 12.27 5.99 42.50
N PRO B 340 12.12 5.20 43.56
CA PRO B 340 10.97 5.38 44.45
C PRO B 340 11.05 6.70 45.21
N GLY B 341 9.87 7.17 45.65
CA GLY B 341 9.81 8.37 46.48
C GLY B 341 9.90 9.65 45.68
N LEU B 342 9.73 10.77 46.40
CA LEU B 342 9.84 12.07 45.75
C LEU B 342 11.22 12.28 45.14
N GLU B 343 12.26 11.79 45.82
CA GLU B 343 13.61 11.80 45.26
C GLU B 343 13.63 11.36 43.80
N GLY B 344 12.75 10.43 43.42
CA GLY B 344 12.78 9.87 42.08
C GLY B 344 12.32 10.78 40.97
N CYS B 345 11.59 11.86 41.28
CA CYS B 345 11.15 12.83 40.29
C CYS B 345 11.50 14.22 40.80
N PRO B 346 12.79 14.53 40.88
CA PRO B 346 13.32 15.78 41.44
C PRO B 346 13.15 16.97 40.49
C1 NAG C . -7.98 14.12 24.42
C2 NAG C . -8.73 15.07 25.33
C3 NAG C . -9.94 14.37 25.92
C4 NAG C . -10.81 13.78 24.82
C5 NAG C . -9.96 12.94 23.87
C6 NAG C . -10.72 12.46 22.66
C7 NAG C . -7.11 16.67 26.25
C8 NAG C . -6.31 17.06 27.45
N2 NAG C . -7.87 15.58 26.38
O3 NAG C . -10.67 15.27 26.75
O4 NAG C . -11.79 12.91 25.39
O5 NAG C . -8.83 13.68 23.38
O6 NAG C . -10.72 13.46 21.64
O7 NAG C . -7.06 17.32 25.20
C1 NAG C . -13.10 13.49 25.54
C2 NAG C . -14.10 12.35 25.67
C3 NAG C . -15.51 12.90 25.78
C4 NAG C . -15.60 13.92 26.92
C5 NAG C . -14.44 14.92 26.90
C6 NAG C . -14.32 15.68 28.19
C7 NAG C . -13.17 10.37 24.58
C8 NAG C . -13.19 9.48 23.37
N2 NAG C . -14.00 11.41 24.57
O3 NAG C . -16.40 11.82 26.04
O4 NAG C . -16.78 14.70 26.73
O5 NAG C . -13.17 14.29 26.69
O6 NAG C . -13.06 16.32 28.28
O7 NAG C . -12.42 10.14 25.53
C1 BMA C . -17.86 14.38 27.61
C2 BMA C . -18.87 15.57 27.50
C3 BMA C . -20.18 15.27 28.21
C4 BMA C . -20.69 13.84 27.88
C5 BMA C . -19.57 12.80 28.12
C6 BMA C . -19.97 11.35 27.82
O2 BMA C . -19.20 15.83 26.13
O3 BMA C . -21.16 16.26 27.88
O4 BMA C . -21.81 13.52 28.70
O5 BMA C . -18.45 13.14 27.28
O6 BMA C . -20.41 11.24 26.47
C1 NAG D . -15.98 -9.17 -22.45
C2 NAG D . -17.15 -9.74 -23.24
C3 NAG D . -18.10 -8.62 -23.65
C4 NAG D . -18.53 -7.81 -22.43
C5 NAG D . -17.31 -7.38 -21.63
C6 NAG D . -17.66 -6.69 -20.33
C7 NAG D . -16.44 -11.79 -24.40
C8 NAG D . -16.00 -12.39 -25.70
N2 NAG D . -16.69 -10.47 -24.41
O3 NAG D . -19.24 -9.17 -24.32
O4 NAG D . -19.19 -6.63 -22.88
O5 NAG D . -16.48 -8.50 -21.29
O6 NAG D . -18.29 -7.58 -19.42
O7 NAG D . -16.56 -12.46 -23.37
C1 NAG D . -20.64 -6.65 -22.88
C2 NAG D . -21.09 -5.20 -22.86
C3 NAG D . -22.61 -5.13 -22.80
C4 NAG D . -23.20 -5.86 -24.00
C5 NAG D . -22.66 -7.29 -24.10
C6 NAG D . -23.04 -7.95 -25.39
C7 NAG D . -19.50 -3.58 -21.93
C8 NAG D . -19.01 -2.89 -20.69
N2 NAG D . -20.50 -4.46 -21.76
O3 NAG D . -23.02 -3.76 -22.81
O4 NAG D . -24.62 -5.91 -23.89
O5 NAG D . -21.21 -7.32 -24.02
O6 NAG D . -22.21 -9.06 -25.69
O7 NAG D . -19.03 -3.35 -23.03
C1 NAG E . 3.55 -25.96 -22.50
C2 NAG E . 4.43 -24.84 -23.05
C3 NAG E . 5.86 -25.34 -23.25
C4 NAG E . 6.40 -26.00 -21.99
C5 NAG E . 5.44 -27.08 -21.50
C6 NAG E . 5.84 -27.69 -20.18
C7 NAG E . 3.89 -23.03 -24.62
C8 NAG E . 3.27 -22.67 -25.94
N2 NAG E . 3.88 -24.33 -24.29
O3 NAG E . 6.69 -24.24 -23.63
O4 NAG E . 7.66 -26.60 -22.21
O5 NAG E . 4.13 -26.50 -21.31
O6 NAG E . 5.72 -26.76 -19.11
O7 NAG E . 4.37 -22.17 -23.89
C1 NAG E . 8.67 -25.93 -21.42
C2 NAG E . 9.90 -26.81 -21.24
C3 NAG E . 10.98 -26.04 -20.48
C4 NAG E . 11.29 -24.73 -21.17
C5 NAG E . 10.01 -23.92 -21.35
C6 NAG E . 10.22 -22.66 -22.16
C7 NAG E . 9.36 -29.23 -21.13
C8 NAG E . 9.51 -29.28 -22.63
N2 NAG E . 9.56 -28.04 -20.55
O3 NAG E . 12.17 -26.84 -20.39
O4 NAG E . 12.22 -23.97 -20.42
O5 NAG E . 9.03 -24.69 -22.06
O6 NAG E . 10.82 -21.63 -21.40
O7 NAG E . 9.07 -30.23 -20.48
C1 NAG F . -4.37 5.52 4.23
C2 NAG F . -2.96 5.03 4.48
C3 NAG F . -2.71 3.73 3.74
C4 NAG F . -3.77 2.70 4.13
C5 NAG F . -5.17 3.29 3.95
C6 NAG F . -6.27 2.38 4.48
C7 NAG F . -0.79 6.17 4.71
C8 NAG F . 0.11 7.25 4.18
N2 NAG F . -1.97 6.03 4.10
O3 NAG F . -1.43 3.23 4.08
O4 NAG F . -3.64 1.55 3.32
O5 NAG F . -5.30 4.54 4.66
O6 NAG F . -7.47 3.08 4.69
O7 NAG F . -0.46 5.45 5.65
C1 NAG G . 19.04 30.23 -13.10
C2 NAG G . 19.99 30.31 -14.27
C3 NAG G . 21.18 31.19 -13.91
C4 NAG G . 20.69 32.56 -13.47
C5 NAG G . 19.66 32.43 -12.34
C6 NAG G . 19.00 33.75 -12.00
C7 NAG G . 19.78 28.25 -15.57
C8 NAG G . 20.36 26.91 -15.88
N2 NAG G . 20.44 28.99 -14.68
O3 NAG G . 22.04 31.30 -15.03
O4 NAG G . 21.79 33.35 -13.01
O5 NAG G . 18.60 31.54 -12.74
O6 NAG G . 18.23 34.24 -13.08
O7 NAG G . 18.75 28.65 -16.10
C1 NAG H . 7.85 -35.73 10.80
C2 NAG H . 8.81 -36.13 11.93
C3 NAG H . 9.46 -37.48 11.62
C4 NAG H . 8.40 -38.54 11.29
C5 NAG H . 7.48 -38.03 10.18
C6 NAG H . 6.34 -38.98 9.88
C7 NAG H . 10.00 -34.51 13.32
C8 NAG H . 11.11 -33.49 13.38
N2 NAG H . 9.81 -35.11 12.14
O3 NAG H . 10.24 -37.89 12.73
O4 NAG H . 9.03 -39.75 10.88
O5 NAG H . 6.90 -36.78 10.57
O6 NAG H . 5.54 -39.25 11.02
O7 NAG H . 9.32 -34.78 14.31
C1 NAG I . 15.48 -27.34 31.07
C2 NAG I . 16.77 -27.12 31.87
C3 NAG I . 17.04 -28.32 32.76
C4 NAG I . 15.84 -28.58 33.67
C5 NAG I . 14.54 -28.68 32.88
C6 NAG I . 13.30 -28.70 33.77
C7 NAG I . 18.66 -25.75 31.09
C8 NAG I . 19.79 -25.64 30.11
N2 NAG I . 17.90 -26.85 30.99
O3 NAG I . 18.21 -28.10 33.53
O4 NAG I . 16.03 -29.81 34.35
O5 NAG I . 14.38 -27.57 31.97
O6 NAG I . 12.82 -27.39 34.05
O7 NAG I . 18.44 -24.87 31.93
#